data_4YS8
#
_entry.id   4YS8
#
_cell.length_a   45.650
_cell.length_b   138.310
_cell.length_c   78.590
_cell.angle_alpha   90.000
_cell.angle_beta   101.890
_cell.angle_gamma   90.000
#
_symmetry.space_group_name_H-M   'P 1 21 1'
#
loop_
_entity.id
_entity.type
_entity.pdbx_description
1 polymer '2-C-methyl-D-erythritol 4-phosphate cytidylyltransferase'
2 non-polymer GLYCEROL
3 non-polymer 'ACETATE ION'
4 water water
#
_entity_poly.entity_id   1
_entity_poly.type   'polypeptide(L)'
_entity_poly.pdbx_seq_one_letter_code
;GPGSMVTSRLFALIPCAGTGSRSGSALPKQYRTLAGRALLHYTLAAFDACSEFAQTLVVISPDDAHFDARRFAGLRFAVR
RCGGASRQASVMNGLIQLAEFGATDADWVLVHDAARPGITPALIRTLIGALKDDPVGGIVALPVADTLKRVPAGGDAIER
TESRNGLWQAQTPQMFRIGMLRDAIQRAQLEGRDLTDEASAIEWAGHTPRVVQGSLRNFKVTYPEDFDLAEAILAHPARA
S
;
_entity_poly.pdbx_strand_id   A,B,C,D
#
loop_
_chem_comp.id
_chem_comp.type
_chem_comp.name
_chem_comp.formula
ACT non-polymer 'ACETATE ION' 'C2 H3 O2 -1'
GOL non-polymer GLYCEROL 'C3 H8 O3'
#
# COMPACT_ATOMS: atom_id res chain seq x y z
N THR A 7 15.69 -24.69 -4.68
CA THR A 7 15.13 -25.85 -5.37
C THR A 7 13.91 -26.37 -4.65
N SER A 8 13.62 -25.82 -3.48
CA SER A 8 12.43 -26.20 -2.72
C SER A 8 11.19 -25.51 -3.25
N ARG A 9 10.27 -26.29 -3.81
CA ARG A 9 9.04 -25.75 -4.37
C ARG A 9 8.01 -25.48 -3.28
N LEU A 10 6.91 -24.84 -3.66
CA LEU A 10 5.88 -24.44 -2.71
C LEU A 10 4.52 -25.08 -3.02
N PHE A 11 4.00 -25.83 -2.06
CA PHE A 11 2.68 -26.42 -2.19
C PHE A 11 1.75 -25.90 -1.10
N ALA A 12 0.46 -25.76 -1.44
CA ALA A 12 -0.54 -25.33 -0.46
C ALA A 12 -1.47 -26.48 -0.14
N LEU A 13 -1.74 -26.66 1.15
CA LEU A 13 -2.62 -27.75 1.59
C LEU A 13 -3.78 -27.21 2.42
N ILE A 14 -5.00 -27.41 1.91
CA ILE A 14 -6.20 -26.93 2.58
C ILE A 14 -7.04 -28.10 3.04
N PRO A 15 -7.05 -28.38 4.35
CA PRO A 15 -7.80 -29.51 4.90
C PRO A 15 -9.25 -29.16 5.23
N CYS A 16 -10.18 -30.00 4.79
CA CYS A 16 -11.60 -29.77 5.03
C CYS A 16 -12.29 -31.04 5.54
N ALA A 17 -13.23 -30.85 6.46
CA ALA A 17 -13.99 -31.97 7.03
C ALA A 17 -15.48 -31.75 6.84
N GLY A 18 -16.25 -32.83 7.04
CA GLY A 18 -17.70 -32.76 6.90
C GLY A 18 -18.41 -32.38 8.17
N GLY A 24 -28.17 -35.45 11.48
CA GLY A 24 -28.72 -34.23 10.92
C GLY A 24 -27.81 -33.03 11.09
N SER A 25 -26.52 -33.21 10.79
CA SER A 25 -25.54 -32.14 10.93
C SER A 25 -25.76 -31.05 9.88
N ALA A 26 -25.37 -29.82 10.22
CA ALA A 26 -25.53 -28.70 9.32
C ALA A 26 -24.41 -28.67 8.27
N LEU A 27 -24.41 -27.62 7.45
CA LEU A 27 -23.40 -27.46 6.40
C LEU A 27 -22.03 -27.15 6.99
N PRO A 28 -20.99 -27.82 6.47
CA PRO A 28 -19.61 -27.55 6.87
C PRO A 28 -19.24 -26.07 6.71
N LYS A 29 -18.39 -25.56 7.61
CA LYS A 29 -18.08 -24.14 7.66
C LYS A 29 -17.45 -23.61 6.38
N GLN A 30 -16.62 -24.42 5.74
CA GLN A 30 -15.88 -24.00 4.55
C GLN A 30 -16.80 -23.70 3.37
N TYR A 31 -18.04 -24.19 3.42
CA TYR A 31 -18.99 -23.99 2.33
C TYR A 31 -20.02 -22.94 2.67
N ARG A 32 -19.96 -22.42 3.89
CA ARG A 32 -20.90 -21.39 4.33
C ARG A 32 -20.66 -20.09 3.58
N THR A 33 -21.76 -19.45 3.18
CA THR A 33 -21.70 -18.26 2.34
C THR A 33 -21.18 -17.03 3.09
N LEU A 34 -20.15 -16.41 2.54
CA LEU A 34 -19.60 -15.18 3.10
C LEU A 34 -19.54 -14.10 2.03
N ALA A 35 -20.49 -13.18 2.07
CA ALA A 35 -20.60 -12.11 1.10
C ALA A 35 -20.70 -12.64 -0.34
N GLY A 36 -21.63 -13.57 -0.56
CA GLY A 36 -21.85 -14.12 -1.88
C GLY A 36 -21.05 -15.38 -2.17
N ARG A 37 -19.76 -15.35 -1.83
CA ARG A 37 -18.87 -16.46 -2.11
C ARG A 37 -18.79 -17.42 -0.93
N ALA A 38 -18.39 -18.66 -1.19
CA ALA A 38 -18.19 -19.64 -0.14
C ALA A 38 -16.94 -19.30 0.67
N LEU A 39 -16.87 -19.80 1.90
CA LEU A 39 -15.77 -19.47 2.80
C LEU A 39 -14.42 -19.92 2.24
N LEU A 40 -14.39 -21.12 1.68
CA LEU A 40 -13.16 -21.70 1.13
C LEU A 40 -12.61 -20.88 -0.04
N HIS A 41 -13.50 -20.21 -0.75
CA HIS A 41 -13.14 -19.46 -1.94
C HIS A 41 -12.08 -18.39 -1.69
N TYR A 42 -12.13 -17.77 -0.51
CA TYR A 42 -11.19 -16.70 -0.17
C TYR A 42 -9.78 -17.24 0.04
N THR A 43 -9.69 -18.44 0.59
CA THR A 43 -8.41 -19.10 0.79
C THR A 43 -7.81 -19.49 -0.56
N LEU A 44 -8.64 -20.06 -1.42
CA LEU A 44 -8.20 -20.51 -2.74
C LEU A 44 -7.76 -19.34 -3.62
N ALA A 45 -8.47 -18.22 -3.51
CA ALA A 45 -8.14 -17.04 -4.30
C ALA A 45 -6.83 -16.42 -3.85
N ALA A 46 -6.57 -16.48 -2.54
CA ALA A 46 -5.36 -15.92 -1.96
C ALA A 46 -4.12 -16.66 -2.46
N PHE A 47 -4.22 -17.98 -2.53
CA PHE A 47 -3.11 -18.80 -3.01
C PHE A 47 -3.03 -18.81 -4.53
N ASP A 48 -4.17 -18.62 -5.18
CA ASP A 48 -4.23 -18.56 -6.64
C ASP A 48 -3.49 -17.33 -7.16
N ALA A 49 -3.48 -16.27 -6.36
CA ALA A 49 -2.81 -15.03 -6.75
C ALA A 49 -1.30 -15.17 -6.64
N CYS A 50 -0.85 -16.22 -5.97
CA CYS A 50 0.58 -16.49 -5.83
C CYS A 50 1.02 -17.56 -6.82
N SER A 51 1.58 -17.12 -7.93
CA SER A 51 1.93 -18.04 -9.03
C SER A 51 3.19 -18.85 -8.74
N GLU A 52 3.89 -18.51 -7.66
CA GLU A 52 5.12 -19.23 -7.32
C GLU A 52 4.82 -20.60 -6.73
N PHE A 53 3.57 -20.83 -6.34
CA PHE A 53 3.16 -22.13 -5.83
C PHE A 53 3.06 -23.15 -6.96
N ALA A 54 3.45 -24.38 -6.68
CA ALA A 54 3.37 -25.45 -7.66
C ALA A 54 1.93 -25.86 -7.88
N GLN A 55 1.21 -26.08 -6.77
CA GLN A 55 -0.20 -26.46 -6.82
C GLN A 55 -0.84 -26.32 -5.45
N THR A 56 -2.14 -26.02 -5.44
CA THR A 56 -2.92 -26.00 -4.21
C THR A 56 -3.77 -27.25 -4.11
N LEU A 57 -3.70 -27.94 -2.97
CA LEU A 57 -4.47 -29.16 -2.78
C LEU A 57 -5.54 -29.00 -1.70
N VAL A 58 -6.79 -29.20 -2.10
CA VAL A 58 -7.91 -29.18 -1.17
C VAL A 58 -8.24 -30.62 -0.77
N VAL A 59 -8.20 -30.89 0.53
CA VAL A 59 -8.51 -32.21 1.04
C VAL A 59 -9.91 -32.23 1.65
N ILE A 60 -10.81 -32.97 1.03
CA ILE A 60 -12.18 -33.08 1.52
C ILE A 60 -12.48 -34.52 1.93
N SER A 61 -13.58 -34.70 2.66
CA SER A 61 -14.02 -36.03 3.06
C SER A 61 -14.53 -36.82 1.85
N PRO A 62 -14.30 -38.15 1.85
CA PRO A 62 -14.82 -38.98 0.77
C PRO A 62 -16.34 -39.06 0.76
N ASP A 63 -16.98 -38.64 1.85
CA ASP A 63 -18.43 -38.65 1.95
C ASP A 63 -19.01 -37.26 1.68
N ASP A 64 -18.14 -36.32 1.30
CA ASP A 64 -18.56 -34.94 1.06
C ASP A 64 -19.45 -34.85 -0.18
N ALA A 65 -20.67 -34.35 0.02
CA ALA A 65 -21.61 -34.17 -1.07
C ALA A 65 -21.98 -32.69 -1.20
N HIS A 66 -21.14 -31.82 -0.66
CA HIS A 66 -21.40 -30.39 -0.65
C HIS A 66 -20.40 -29.62 -1.50
N PHE A 67 -19.25 -30.23 -1.76
CA PHE A 67 -18.21 -29.56 -2.54
C PHE A 67 -18.61 -29.45 -4.00
N ASP A 68 -18.60 -28.23 -4.52
CA ASP A 68 -18.94 -27.97 -5.92
C ASP A 68 -17.84 -27.18 -6.58
N ALA A 69 -17.15 -27.82 -7.53
CA ALA A 69 -15.96 -27.24 -8.16
C ALA A 69 -16.25 -26.00 -8.98
N ARG A 70 -17.46 -25.90 -9.51
CA ARG A 70 -17.84 -24.77 -10.35
C ARG A 70 -17.96 -23.48 -9.55
N ARG A 71 -18.11 -23.62 -8.23
CA ARG A 71 -18.20 -22.47 -7.34
C ARG A 71 -16.81 -21.88 -7.09
N PHE A 72 -15.79 -22.60 -7.53
CA PHE A 72 -14.41 -22.15 -7.39
C PHE A 72 -13.74 -22.09 -8.76
N ALA A 73 -14.55 -21.86 -9.78
CA ALA A 73 -14.06 -21.81 -11.16
C ALA A 73 -13.07 -20.67 -11.37
N GLY A 74 -12.09 -20.89 -12.23
CA GLY A 74 -11.07 -19.89 -12.51
C GLY A 74 -9.94 -19.91 -11.51
N LEU A 75 -10.07 -20.70 -10.47
CA LEU A 75 -9.04 -20.79 -9.47
C LEU A 75 -8.22 -22.03 -9.68
N ARG A 76 -6.95 -21.91 -9.40
CA ARG A 76 -6.01 -22.98 -9.57
C ARG A 76 -5.80 -23.82 -8.33
N PHE A 77 -6.37 -25.00 -8.32
CA PHE A 77 -6.25 -25.89 -7.20
C PHE A 77 -6.69 -27.28 -7.65
N ALA A 78 -6.34 -28.28 -6.86
CA ALA A 78 -6.78 -29.65 -7.07
C ALA A 78 -7.48 -30.16 -5.82
N VAL A 79 -8.44 -31.06 -6.01
CA VAL A 79 -9.20 -31.60 -4.88
C VAL A 79 -9.11 -33.12 -4.84
N ARG A 80 -8.81 -33.65 -3.66
CA ARG A 80 -8.73 -35.09 -3.45
C ARG A 80 -9.54 -35.50 -2.23
N ARG A 81 -10.38 -36.53 -2.38
CA ARG A 81 -11.21 -37.01 -1.29
C ARG A 81 -10.44 -37.98 -0.40
N CYS A 82 -9.28 -37.55 0.07
CA CYS A 82 -8.45 -38.39 0.93
C CYS A 82 -8.57 -37.98 2.39
N GLY A 83 -9.72 -37.43 2.76
CA GLY A 83 -9.97 -36.99 4.11
C GLY A 83 -9.95 -38.13 5.12
N GLY A 84 -9.62 -37.80 6.37
CA GLY A 84 -9.58 -38.77 7.43
C GLY A 84 -10.58 -38.48 8.53
N ALA A 85 -10.47 -39.20 9.64
CA ALA A 85 -11.39 -39.02 10.77
C ALA A 85 -11.17 -37.66 11.44
N SER A 86 -9.90 -37.28 11.58
CA SER A 86 -9.57 -36.00 12.20
C SER A 86 -8.82 -35.10 11.23
N ARG A 87 -8.64 -33.85 11.62
CA ARG A 87 -7.85 -32.90 10.84
C ARG A 87 -6.40 -33.37 10.75
N GLN A 88 -5.96 -34.03 11.82
CA GLN A 88 -4.62 -34.61 11.89
C GLN A 88 -4.36 -35.57 10.75
N ALA A 89 -5.24 -36.55 10.58
CA ALA A 89 -5.11 -37.55 9.54
C ALA A 89 -5.28 -36.93 8.15
N SER A 90 -6.20 -35.98 8.05
CA SER A 90 -6.48 -35.31 6.78
C SER A 90 -5.26 -34.60 6.23
N VAL A 91 -4.48 -33.98 7.11
CA VAL A 91 -3.27 -33.28 6.72
C VAL A 91 -2.21 -34.29 6.26
N MET A 92 -2.02 -35.33 7.05
CA MET A 92 -1.04 -36.36 6.74
C MET A 92 -1.35 -37.05 5.41
N ASN A 93 -2.62 -37.35 5.18
CA ASN A 93 -3.06 -37.97 3.93
C ASN A 93 -2.85 -37.02 2.76
N GLY A 94 -3.01 -35.73 3.01
CA GLY A 94 -2.78 -34.72 2.00
C GLY A 94 -1.31 -34.62 1.61
N LEU A 95 -0.44 -34.70 2.60
CA LEU A 95 1.00 -34.66 2.38
C LEU A 95 1.45 -35.85 1.54
N ILE A 96 0.84 -37.01 1.80
CA ILE A 96 1.11 -38.21 1.02
C ILE A 96 0.58 -38.02 -0.40
N GLN A 97 -0.60 -37.42 -0.50
CA GLN A 97 -1.26 -37.22 -1.79
C GLN A 97 -0.52 -36.22 -2.66
N LEU A 98 0.27 -35.35 -2.04
CA LEU A 98 1.02 -34.33 -2.77
C LEU A 98 2.07 -34.94 -3.70
N ALA A 99 2.51 -36.16 -3.38
CA ALA A 99 3.52 -36.84 -4.17
C ALA A 99 3.05 -37.12 -5.59
N GLU A 100 1.73 -37.14 -5.78
CA GLU A 100 1.15 -37.33 -7.11
C GLU A 100 1.46 -36.12 -8.00
N PHE A 101 1.50 -34.94 -7.38
CA PHE A 101 1.72 -33.70 -8.10
C PHE A 101 3.21 -33.42 -8.30
N GLY A 102 4.05 -34.41 -8.01
CA GLY A 102 5.47 -34.29 -8.20
C GLY A 102 6.22 -33.75 -7.00
N ALA A 103 5.52 -33.66 -5.87
CA ALA A 103 6.12 -33.14 -4.65
C ALA A 103 7.09 -34.14 -4.04
N THR A 104 8.17 -33.64 -3.47
CA THR A 104 9.14 -34.47 -2.75
C THR A 104 9.17 -34.08 -1.28
N ASP A 105 9.92 -34.83 -0.49
CA ASP A 105 9.99 -34.59 0.96
C ASP A 105 10.78 -33.34 1.30
N ALA A 106 11.47 -32.77 0.32
CA ALA A 106 12.30 -31.59 0.54
C ALA A 106 11.53 -30.30 0.26
N ASP A 107 10.37 -30.44 -0.38
CA ASP A 107 9.57 -29.27 -0.76
C ASP A 107 8.78 -28.71 0.42
N TRP A 108 8.45 -27.42 0.34
CA TRP A 108 7.65 -26.76 1.37
C TRP A 108 6.17 -27.05 1.21
N VAL A 109 5.44 -27.04 2.31
CA VAL A 109 3.99 -27.10 2.27
C VAL A 109 3.42 -26.04 3.21
N LEU A 110 2.43 -25.29 2.74
CA LEU A 110 1.76 -24.32 3.57
C LEU A 110 0.34 -24.79 3.90
N VAL A 111 0.13 -25.18 5.15
CA VAL A 111 -1.18 -25.65 5.59
C VAL A 111 -1.97 -24.48 6.15
N HIS A 112 -3.11 -24.17 5.53
CA HIS A 112 -3.91 -23.04 5.96
C HIS A 112 -5.33 -23.46 6.36
N ASP A 113 -5.82 -22.87 7.45
CA ASP A 113 -7.17 -23.11 7.92
C ASP A 113 -8.15 -22.27 7.09
N ALA A 114 -9.11 -22.94 6.46
CA ALA A 114 -10.10 -22.27 5.63
C ALA A 114 -11.02 -21.37 6.45
N ALA A 115 -11.00 -21.56 7.77
CA ALA A 115 -11.80 -20.74 8.68
C ALA A 115 -11.16 -19.38 8.90
N ARG A 116 -10.06 -19.12 8.21
CA ARG A 116 -9.41 -17.81 8.26
C ARG A 116 -9.40 -17.20 6.86
N PRO A 117 -10.55 -16.66 6.41
CA PRO A 117 -10.70 -16.14 5.05
C PRO A 117 -9.98 -14.82 4.84
N GLY A 118 -9.50 -14.20 5.92
CA GLY A 118 -8.82 -12.92 5.82
C GLY A 118 -7.38 -13.02 5.32
N ILE A 119 -6.97 -14.23 4.97
CA ILE A 119 -5.62 -14.47 4.45
C ILE A 119 -5.40 -13.68 3.16
N THR A 120 -4.21 -13.13 3.05
CA THR A 120 -3.76 -12.40 1.88
C THR A 120 -2.44 -12.85 1.31
N PRO A 121 -2.42 -12.65 -0.07
CA PRO A 121 -1.16 -13.03 -0.74
C PRO A 121 0.06 -12.34 -0.13
N ALA A 122 -0.15 -11.16 0.44
CA ALA A 122 0.93 -10.40 1.07
C ALA A 122 1.43 -11.10 2.32
N LEU A 123 0.52 -11.66 3.10
CA LEU A 123 0.89 -12.36 4.32
C LEU A 123 1.56 -13.69 4.00
N ILE A 124 1.10 -14.34 2.93
CA ILE A 124 1.67 -15.60 2.49
C ILE A 124 3.12 -15.40 2.06
N ARG A 125 3.35 -14.37 1.25
CA ARG A 125 4.69 -14.10 0.72
C ARG A 125 5.63 -13.57 1.79
N THR A 126 5.07 -13.00 2.86
CA THR A 126 5.87 -12.54 3.98
C THR A 126 6.40 -13.75 4.76
N LEU A 127 5.54 -14.75 4.92
CA LEU A 127 5.93 -15.98 5.61
C LEU A 127 6.98 -16.75 4.82
N ILE A 128 6.78 -16.82 3.50
CA ILE A 128 7.71 -17.52 2.62
C ILE A 128 9.08 -16.87 2.64
N GLY A 129 9.11 -15.55 2.46
CA GLY A 129 10.37 -14.83 2.41
C GLY A 129 11.14 -14.78 3.72
N ALA A 130 10.45 -15.11 4.81
CA ALA A 130 11.07 -15.05 6.13
C ALA A 130 11.56 -16.41 6.61
N LEU A 131 11.09 -17.48 5.98
CA LEU A 131 11.40 -18.83 6.43
C LEU A 131 11.91 -19.75 5.33
N LYS A 132 12.11 -19.20 4.14
CA LYS A 132 12.56 -19.99 2.99
C LYS A 132 13.93 -20.64 3.25
N ASP A 133 14.74 -20.00 4.10
CA ASP A 133 16.08 -20.47 4.38
C ASP A 133 16.17 -21.15 5.74
N ASP A 134 15.01 -21.34 6.39
CA ASP A 134 14.97 -22.00 7.69
C ASP A 134 14.99 -23.51 7.52
N PRO A 135 15.78 -24.21 8.36
CA PRO A 135 15.88 -25.67 8.31
C PRO A 135 14.60 -26.38 8.74
N VAL A 136 13.72 -25.66 9.42
CA VAL A 136 12.47 -26.24 9.91
C VAL A 136 11.27 -25.51 9.32
N GLY A 137 11.24 -24.19 9.48
CA GLY A 137 10.12 -23.39 9.04
C GLY A 137 9.39 -22.76 10.21
N GLY A 138 8.09 -22.51 10.04
CA GLY A 138 7.32 -21.91 11.10
C GLY A 138 5.91 -21.48 10.71
N ILE A 139 5.32 -20.64 11.54
CA ILE A 139 3.92 -20.23 11.39
C ILE A 139 3.78 -18.72 11.50
N VAL A 140 2.64 -18.20 11.04
CA VAL A 140 2.29 -16.81 11.30
C VAL A 140 1.54 -16.76 12.63
N ALA A 141 1.87 -15.78 13.46
CA ALA A 141 1.27 -15.70 14.78
C ALA A 141 1.21 -14.26 15.29
N LEU A 142 0.34 -14.03 16.27
CA LEU A 142 0.21 -12.73 16.90
C LEU A 142 0.58 -12.83 18.37
N PRO A 143 1.42 -11.90 18.86
CA PRO A 143 1.69 -11.82 20.30
C PRO A 143 0.41 -11.54 21.07
N VAL A 144 0.25 -12.18 22.23
CA VAL A 144 -0.94 -11.98 23.05
C VAL A 144 -0.95 -10.54 23.55
N ALA A 145 -1.93 -9.77 23.10
CA ALA A 145 -2.03 -8.36 23.46
C ALA A 145 -2.97 -8.14 24.64
N ASP A 146 -3.96 -9.02 24.78
CA ASP A 146 -4.96 -8.89 25.83
C ASP A 146 -4.52 -9.54 27.14
N THR A 147 -4.92 -8.95 28.25
CA THR A 147 -4.67 -9.53 29.57
C THR A 147 -5.38 -10.87 29.68
N LEU A 148 -4.68 -11.87 30.18
CA LEU A 148 -5.24 -13.21 30.27
C LEU A 148 -5.91 -13.47 31.62
N LYS A 149 -7.15 -13.92 31.57
CA LYS A 149 -7.91 -14.23 32.78
C LYS A 149 -8.25 -15.72 32.83
N ARG A 150 -7.96 -16.36 33.95
CA ARG A 150 -8.31 -17.77 34.13
C ARG A 150 -9.73 -17.90 34.67
N VAL A 151 -10.62 -18.43 33.84
CA VAL A 151 -12.01 -18.62 34.22
C VAL A 151 -12.35 -20.11 34.23
N PRO A 152 -12.46 -20.71 35.42
CA PRO A 152 -12.77 -22.13 35.59
C PRO A 152 -14.02 -22.56 34.83
N ALA A 153 -14.02 -23.79 34.33
CA ALA A 153 -15.13 -24.30 33.53
C ALA A 153 -16.41 -24.39 34.35
N GLY A 154 -17.55 -24.15 33.69
CA GLY A 154 -18.84 -24.22 34.35
C GLY A 154 -19.26 -22.95 35.06
N GLY A 155 -18.41 -21.93 34.96
CA GLY A 155 -18.69 -20.66 35.60
C GLY A 155 -18.13 -19.47 34.84
N ASP A 156 -18.64 -18.28 35.14
CA ASP A 156 -18.17 -17.06 34.50
C ASP A 156 -17.32 -16.22 35.45
N ALA A 157 -16.99 -16.80 36.60
CA ALA A 157 -16.20 -16.10 37.61
C ALA A 157 -14.71 -16.18 37.30
N ILE A 158 -14.02 -15.05 37.48
CA ILE A 158 -12.58 -15.00 37.25
C ILE A 158 -11.83 -15.48 38.49
N GLU A 159 -10.93 -16.43 38.29
CA GLU A 159 -10.10 -16.94 39.37
C GLU A 159 -8.92 -16.00 39.64
N ARG A 160 -8.15 -15.73 38.59
CA ARG A 160 -7.00 -14.83 38.70
C ARG A 160 -6.51 -14.40 37.32
N THR A 161 -5.49 -13.54 37.31
CA THR A 161 -4.88 -13.08 36.07
C THR A 161 -3.65 -13.93 35.73
N GLU A 162 -3.57 -14.41 34.51
CA GLU A 162 -2.43 -15.20 34.06
C GLU A 162 -1.48 -14.36 33.21
N SER A 163 -0.18 -14.60 33.38
CA SER A 163 0.84 -13.87 32.64
C SER A 163 0.77 -14.17 31.14
N ARG A 164 0.90 -13.13 30.33
CA ARG A 164 0.90 -13.29 28.88
C ARG A 164 2.30 -13.10 28.32
N ASN A 165 3.28 -13.09 29.21
CA ASN A 165 4.68 -12.93 28.83
C ASN A 165 5.17 -14.12 28.00
N GLY A 166 5.54 -13.85 26.76
CA GLY A 166 6.08 -14.87 25.88
C GLY A 166 5.05 -15.78 25.23
N LEU A 167 3.79 -15.36 25.24
CA LEU A 167 2.73 -16.14 24.61
C LEU A 167 2.29 -15.53 23.28
N TRP A 168 2.10 -16.38 22.29
CA TRP A 168 1.66 -15.96 20.97
C TRP A 168 0.39 -16.70 20.57
N GLN A 169 -0.47 -16.03 19.80
CA GLN A 169 -1.65 -16.67 19.24
C GLN A 169 -1.33 -17.22 17.86
N ALA A 170 -1.29 -18.54 17.74
CA ALA A 170 -0.93 -19.18 16.49
C ALA A 170 -2.00 -18.96 15.41
N GLN A 171 -1.55 -18.78 14.18
CA GLN A 171 -2.44 -18.65 13.04
C GLN A 171 -1.97 -19.55 11.90
N THR A 172 -2.66 -19.46 10.77
CA THR A 172 -2.28 -20.19 9.57
C THR A 172 -2.07 -19.18 8.43
N PRO A 173 -1.32 -19.55 7.37
CA PRO A 173 -0.70 -20.84 7.05
C PRO A 173 0.51 -21.22 7.92
N GLN A 174 0.78 -22.52 8.01
CA GLN A 174 1.93 -23.02 8.72
C GLN A 174 2.89 -23.67 7.72
N MET A 175 4.12 -23.18 7.70
CA MET A 175 5.09 -23.54 6.65
C MET A 175 6.15 -24.51 7.15
N PHE A 176 6.05 -25.75 6.69
CA PHE A 176 7.05 -26.78 7.01
C PHE A 176 7.36 -27.60 5.77
N ARG A 177 8.40 -28.43 5.85
CA ARG A 177 8.75 -29.30 4.74
C ARG A 177 7.93 -30.59 4.82
N ILE A 178 7.54 -31.11 3.65
CA ILE A 178 6.62 -32.23 3.55
C ILE A 178 7.10 -33.46 4.31
N GLY A 179 8.36 -33.82 4.11
CA GLY A 179 8.92 -34.99 4.75
C GLY A 179 8.93 -34.92 6.27
N MET A 180 9.43 -33.82 6.81
CA MET A 180 9.52 -33.65 8.25
C MET A 180 8.14 -33.60 8.91
N LEU A 181 7.19 -32.95 8.24
CA LEU A 181 5.84 -32.81 8.78
C LEU A 181 5.08 -34.13 8.74
N ARG A 182 5.19 -34.84 7.62
CA ARG A 182 4.51 -36.12 7.45
C ARG A 182 4.96 -37.14 8.48
N ASP A 183 6.26 -37.17 8.75
CA ASP A 183 6.82 -38.10 9.72
C ASP A 183 6.47 -37.67 11.14
N ALA A 184 6.34 -36.36 11.35
CA ALA A 184 5.97 -35.83 12.66
C ALA A 184 4.54 -36.22 13.02
N ILE A 185 3.63 -36.02 12.07
CA ILE A 185 2.23 -36.37 12.28
C ILE A 185 2.08 -37.89 12.41
N GLN A 186 2.87 -38.63 11.63
CA GLN A 186 2.88 -40.08 11.67
C GLN A 186 3.29 -40.59 13.05
N ARG A 187 4.32 -39.99 13.61
CA ARG A 187 4.83 -40.40 14.92
C ARG A 187 3.81 -40.14 16.03
N ALA A 188 3.09 -39.03 15.91
CA ALA A 188 2.10 -38.64 16.92
C ALA A 188 0.85 -39.50 16.82
N GLN A 189 0.51 -39.91 15.59
CA GLN A 189 -0.66 -40.76 15.37
C GLN A 189 -0.45 -42.15 15.97
N LEU A 190 0.79 -42.63 15.91
CA LEU A 190 1.12 -43.93 16.46
C LEU A 190 1.20 -43.89 17.99
N GLU A 191 1.56 -42.73 18.52
CA GLU A 191 1.67 -42.55 19.96
C GLU A 191 0.34 -42.17 20.58
N GLY A 192 -0.69 -42.04 19.75
CA GLY A 192 -2.01 -41.68 20.23
C GLY A 192 -2.07 -40.27 20.78
N ARG A 193 -1.27 -39.37 20.22
CA ARG A 193 -1.23 -38.00 20.67
C ARG A 193 -2.08 -37.09 19.79
N ASP A 194 -3.14 -36.52 20.38
CA ASP A 194 -4.01 -35.61 19.66
C ASP A 194 -3.41 -34.21 19.62
N LEU A 195 -3.11 -33.74 18.41
CA LEU A 195 -2.45 -32.45 18.23
C LEU A 195 -3.44 -31.36 17.87
N THR A 196 -3.01 -30.11 18.01
CA THR A 196 -3.85 -28.96 17.69
C THR A 196 -3.57 -28.48 16.27
N ASP A 197 -2.31 -28.13 16.00
CA ASP A 197 -1.92 -27.69 14.66
C ASP A 197 -0.69 -28.44 14.16
N GLU A 198 -0.18 -28.02 13.01
CA GLU A 198 0.97 -28.67 12.40
C GLU A 198 2.25 -28.31 13.15
N ALA A 199 2.26 -27.12 13.75
CA ALA A 199 3.41 -26.67 14.52
C ALA A 199 3.68 -27.57 15.72
N SER A 200 2.61 -27.92 16.43
CA SER A 200 2.73 -28.77 17.61
C SER A 200 3.28 -30.15 17.25
N ALA A 201 3.00 -30.60 16.04
CA ALA A 201 3.55 -31.85 15.55
C ALA A 201 5.07 -31.75 15.42
N ILE A 202 5.52 -30.66 14.81
CA ILE A 202 6.94 -30.40 14.63
C ILE A 202 7.64 -30.28 15.97
N GLU A 203 6.95 -29.74 16.95
CA GLU A 203 7.49 -29.54 18.27
C GLU A 203 7.66 -30.85 19.01
N TRP A 204 6.71 -31.75 18.87
CA TRP A 204 6.84 -33.03 19.53
C TRP A 204 7.89 -33.89 18.86
N ALA A 205 8.13 -33.65 17.58
CA ALA A 205 9.13 -34.39 16.86
C ALA A 205 10.52 -33.98 17.23
N GLY A 206 10.65 -32.87 17.93
CA GLY A 206 11.92 -32.42 18.46
C GLY A 206 12.55 -31.24 17.76
N HIS A 207 11.80 -30.63 16.84
CA HIS A 207 12.31 -29.50 16.07
C HIS A 207 11.81 -28.17 16.64
N THR A 208 12.36 -27.06 16.12
CA THR A 208 11.98 -25.74 16.59
C THR A 208 11.41 -24.88 15.47
N PRO A 209 10.08 -24.72 15.46
CA PRO A 209 9.40 -23.85 14.48
C PRO A 209 9.51 -22.37 14.84
N ARG A 210 9.37 -21.49 13.85
CA ARG A 210 9.50 -20.06 14.07
C ARG A 210 8.15 -19.36 14.06
N VAL A 211 8.11 -18.14 14.58
CA VAL A 211 6.92 -17.31 14.50
C VAL A 211 7.21 -16.10 13.63
N VAL A 212 6.27 -15.77 12.76
CA VAL A 212 6.34 -14.56 11.96
C VAL A 212 5.09 -13.75 12.25
N GLN A 213 5.22 -12.42 12.33
CA GLN A 213 4.11 -11.55 12.70
C GLN A 213 2.91 -11.75 11.78
N GLY A 214 1.76 -12.08 12.38
CA GLY A 214 0.55 -12.30 11.62
C GLY A 214 -0.28 -11.03 11.47
N SER A 215 -1.60 -11.19 11.44
CA SER A 215 -2.51 -10.05 11.29
C SER A 215 -3.83 -10.31 12.00
N LEU A 216 -4.46 -9.23 12.47
CA LEU A 216 -5.74 -9.34 13.17
C LEU A 216 -6.88 -9.69 12.21
N ARG A 217 -6.70 -9.41 10.94
CA ARG A 217 -7.71 -9.71 9.98
C ARG A 217 -7.63 -11.15 9.52
N ASN A 218 -6.62 -11.84 10.00
CA ASN A 218 -6.43 -13.25 9.70
C ASN A 218 -7.01 -14.11 10.84
N PHE A 219 -8.06 -13.60 11.47
CA PHE A 219 -8.68 -14.30 12.59
C PHE A 219 -9.49 -15.50 12.12
N LYS A 220 -9.78 -16.41 13.05
CA LYS A 220 -10.56 -17.60 12.75
C LYS A 220 -12.04 -17.36 13.01
N VAL A 221 -12.87 -17.61 12.01
CA VAL A 221 -14.31 -17.44 12.17
C VAL A 221 -14.91 -18.70 12.77
N THR A 222 -15.94 -18.53 13.60
CA THR A 222 -16.59 -19.65 14.26
C THR A 222 -18.02 -19.25 14.66
N TYR A 223 -18.13 -18.13 15.35
CA TYR A 223 -19.41 -17.64 15.83
C TYR A 223 -20.08 -16.78 14.76
N PRO A 224 -21.43 -16.69 14.80
CA PRO A 224 -22.18 -15.88 13.83
C PRO A 224 -21.68 -14.44 13.72
N GLU A 225 -21.22 -13.88 14.84
CA GLU A 225 -20.70 -12.52 14.85
C GLU A 225 -19.35 -12.43 14.14
N ASP A 226 -18.61 -13.54 14.12
CA ASP A 226 -17.34 -13.58 13.42
C ASP A 226 -17.54 -13.53 11.91
N PHE A 227 -18.64 -14.12 11.45
CA PHE A 227 -19.00 -14.07 10.04
C PHE A 227 -19.35 -12.64 9.63
N ASP A 228 -20.11 -11.95 10.48
CA ASP A 228 -20.51 -10.58 10.21
C ASP A 228 -19.31 -9.66 10.09
N LEU A 229 -18.35 -9.82 10.98
CA LEU A 229 -17.11 -9.04 10.94
C LEU A 229 -16.31 -9.36 9.69
N ALA A 230 -16.19 -10.65 9.39
CA ALA A 230 -15.46 -11.09 8.20
C ALA A 230 -16.12 -10.57 6.94
N GLU A 231 -17.44 -10.47 6.95
CA GLU A 231 -18.20 -9.95 5.82
C GLU A 231 -18.00 -8.44 5.70
N ALA A 232 -17.58 -7.81 6.79
CA ALA A 232 -17.32 -6.38 6.79
C ALA A 232 -15.88 -6.10 6.40
N ILE A 233 -14.95 -6.91 6.91
CA ILE A 233 -13.55 -6.79 6.57
C ILE A 233 -13.33 -7.16 5.11
N LEU A 234 -13.80 -8.34 4.72
CA LEU A 234 -13.82 -8.74 3.32
C LEU A 234 -14.97 -8.02 2.62
N ALA A 235 -15.07 -8.20 1.31
CA ALA A 235 -16.04 -7.48 0.49
C ALA A 235 -15.91 -5.98 0.69
N HIS A 236 -14.67 -5.52 0.80
CA HIS A 236 -14.38 -4.11 1.01
C HIS A 236 -12.96 -3.78 0.56
N SER B 4 -37.72 0.09 47.00
CA SER B 4 -37.21 -0.13 48.34
C SER B 4 -35.69 -0.09 48.37
N MET B 5 -35.10 0.49 47.33
CA MET B 5 -33.65 0.62 47.22
C MET B 5 -33.28 1.71 46.22
N VAL B 6 -32.01 2.10 46.22
CA VAL B 6 -31.53 3.12 45.31
C VAL B 6 -30.85 2.48 44.10
N THR B 7 -31.42 2.71 42.92
CA THR B 7 -30.86 2.15 41.69
C THR B 7 -29.51 2.80 41.37
N SER B 8 -28.49 1.97 41.17
CA SER B 8 -27.15 2.45 40.90
C SER B 8 -27.07 3.19 39.57
N ARG B 9 -26.46 4.38 39.58
CA ARG B 9 -26.26 5.17 38.38
C ARG B 9 -25.15 4.58 37.52
N LEU B 10 -25.11 4.99 36.26
CA LEU B 10 -24.11 4.49 35.32
C LEU B 10 -23.15 5.60 34.88
N PHE B 11 -21.86 5.36 35.08
CA PHE B 11 -20.84 6.32 34.68
C PHE B 11 -19.79 5.67 33.78
N ALA B 12 -19.27 6.44 32.83
CA ALA B 12 -18.20 5.96 31.96
C ALA B 12 -16.92 6.73 32.26
N LEU B 13 -15.80 6.02 32.30
CA LEU B 13 -14.51 6.64 32.58
C LEU B 13 -13.47 6.23 31.53
N ILE B 14 -12.90 7.22 30.85
CA ILE B 14 -11.96 6.96 29.77
C ILE B 14 -10.59 7.54 30.09
N PRO B 15 -9.66 6.68 30.55
CA PRO B 15 -8.29 7.09 30.84
C PRO B 15 -7.51 7.43 29.57
N CYS B 16 -7.07 8.69 29.45
CA CYS B 16 -6.29 9.12 28.29
C CYS B 16 -5.09 9.94 28.73
N ALA B 17 -4.44 9.49 29.79
CA ALA B 17 -3.28 10.19 30.34
C ALA B 17 -1.99 9.47 29.97
N LEU B 27 3.53 11.01 18.86
CA LEU B 27 2.10 11.30 18.99
C LEU B 27 1.39 10.22 19.79
N PRO B 28 0.64 10.63 20.83
CA PRO B 28 -0.17 9.71 21.63
C PRO B 28 -1.16 8.91 20.79
N LYS B 29 -1.51 7.72 21.26
CA LYS B 29 -2.37 6.81 20.51
C LYS B 29 -3.81 7.31 20.42
N GLN B 30 -4.30 7.91 21.50
CA GLN B 30 -5.70 8.33 21.58
C GLN B 30 -6.03 9.49 20.66
N TYR B 31 -5.00 10.18 20.16
CA TYR B 31 -5.21 11.35 19.31
C TYR B 31 -4.89 11.07 17.84
N ARG B 32 -4.53 9.82 17.53
CA ARG B 32 -4.23 9.43 16.16
CA ARG B 32 -4.23 9.42 16.17
C ARG B 32 -5.50 9.41 15.32
N THR B 33 -5.41 9.92 14.09
CA THR B 33 -6.55 10.02 13.22
C THR B 33 -7.02 8.66 12.70
N LEU B 34 -8.30 8.40 12.83
CA LEU B 34 -8.90 7.17 12.34
C LEU B 34 -10.17 7.48 11.54
N ALA B 35 -10.08 7.30 10.22
CA ALA B 35 -11.17 7.63 9.30
C ALA B 35 -11.60 9.08 9.43
N GLY B 36 -10.62 9.97 9.54
CA GLY B 36 -10.89 11.41 9.61
C GLY B 36 -11.19 11.94 11.00
N ARG B 37 -11.30 11.03 11.97
CA ARG B 37 -11.60 11.41 13.34
C ARG B 37 -10.57 10.86 14.31
N ALA B 38 -10.41 11.53 15.45
CA ALA B 38 -9.50 11.08 16.49
C ALA B 38 -9.97 9.74 17.05
N LEU B 39 -9.02 8.96 17.57
CA LEU B 39 -9.31 7.63 18.08
C LEU B 39 -10.29 7.68 19.25
N LEU B 40 -10.22 8.73 20.05
CA LEU B 40 -11.06 8.89 21.22
C LEU B 40 -12.53 9.09 20.85
N HIS B 41 -12.77 9.62 19.66
CA HIS B 41 -14.12 9.97 19.22
C HIS B 41 -15.06 8.77 19.20
N TYR B 42 -14.55 7.62 18.79
CA TYR B 42 -15.38 6.43 18.63
C TYR B 42 -15.84 5.88 19.98
N THR B 43 -14.99 6.01 21.00
CA THR B 43 -15.36 5.58 22.34
C THR B 43 -16.40 6.53 22.92
N LEU B 44 -16.19 7.83 22.71
CA LEU B 44 -17.11 8.86 23.19
C LEU B 44 -18.47 8.73 22.51
N ALA B 45 -18.45 8.45 21.20
CA ALA B 45 -19.67 8.34 20.42
C ALA B 45 -20.50 7.12 20.86
N ALA B 46 -19.81 6.05 21.25
CA ALA B 46 -20.48 4.83 21.66
C ALA B 46 -21.23 5.02 22.97
N PHE B 47 -20.61 5.70 23.93
CA PHE B 47 -21.23 5.95 25.22
C PHE B 47 -22.28 7.06 25.13
N ASP B 48 -22.09 7.96 24.16
CA ASP B 48 -23.05 9.03 23.93
C ASP B 48 -24.38 8.47 23.43
N ALA B 49 -24.31 7.36 22.73
CA ALA B 49 -25.50 6.71 22.19
C ALA B 49 -26.32 6.05 23.30
N CYS B 50 -25.69 5.81 24.44
CA CYS B 50 -26.35 5.22 25.59
C CYS B 50 -26.83 6.32 26.54
N SER B 51 -28.08 6.73 26.38
CA SER B 51 -28.63 7.85 27.14
C SER B 51 -28.88 7.50 28.61
N GLU B 52 -28.81 6.21 28.95
CA GLU B 52 -29.04 5.78 30.32
C GLU B 52 -27.89 6.16 31.24
N PHE B 53 -26.75 6.48 30.65
CA PHE B 53 -25.57 6.90 31.42
C PHE B 53 -25.81 8.26 32.07
N ALA B 54 -25.22 8.45 33.26
CA ALA B 54 -25.31 9.73 33.96
C ALA B 54 -24.37 10.74 33.31
N GLN B 55 -23.12 10.34 33.12
CA GLN B 55 -22.12 11.19 32.49
C GLN B 55 -20.88 10.38 32.12
N THR B 56 -20.22 10.78 31.04
CA THR B 56 -18.96 10.17 30.62
C THR B 56 -17.79 11.09 30.93
N LEU B 57 -16.77 10.57 31.61
CA LEU B 57 -15.62 11.38 32.01
C LEU B 57 -14.34 10.98 31.28
N VAL B 58 -13.68 11.98 30.70
CA VAL B 58 -12.40 11.77 30.05
C VAL B 58 -11.28 12.31 30.93
N VAL B 59 -10.29 11.46 31.20
CA VAL B 59 -9.17 11.86 32.05
C VAL B 59 -7.91 12.00 31.23
N ILE B 60 -7.38 13.22 31.15
CA ILE B 60 -6.14 13.47 30.42
C ILE B 60 -5.06 13.97 31.37
N SER B 61 -3.82 13.95 30.91
CA SER B 61 -2.69 14.43 31.71
C SER B 61 -2.76 15.93 31.92
N PRO B 62 -2.27 16.41 33.07
CA PRO B 62 -2.20 17.85 33.35
C PRO B 62 -1.35 18.61 32.33
N ASP B 63 -0.38 17.92 31.73
CA ASP B 63 0.52 18.55 30.77
C ASP B 63 0.10 18.26 29.32
N ASP B 64 -1.14 17.82 29.15
CA ASP B 64 -1.66 17.52 27.81
C ASP B 64 -1.76 18.79 26.98
N ALA B 65 -1.31 18.71 25.73
CA ALA B 65 -1.31 19.88 24.85
C ALA B 65 -1.87 19.55 23.48
N HIS B 66 -2.54 18.41 23.36
CA HIS B 66 -3.12 17.99 22.09
C HIS B 66 -4.64 17.90 22.16
N PHE B 67 -5.17 17.86 23.38
CA PHE B 67 -6.61 17.71 23.57
C PHE B 67 -7.36 18.96 23.14
N ASP B 68 -8.40 18.77 22.34
CA ASP B 68 -9.27 19.87 21.93
C ASP B 68 -10.71 19.36 21.89
N ALA B 69 -11.53 19.86 22.81
CA ALA B 69 -12.89 19.37 22.98
C ALA B 69 -13.76 19.65 21.76
N ARG B 70 -13.36 20.60 20.92
CA ARG B 70 -14.10 20.94 19.72
C ARG B 70 -14.13 19.79 18.72
N ARG B 71 -13.16 18.89 18.83
CA ARG B 71 -13.07 17.75 17.94
C ARG B 71 -14.14 16.71 18.25
N PHE B 72 -14.71 16.80 19.45
CA PHE B 72 -15.74 15.87 19.89
C PHE B 72 -17.03 16.59 20.24
N ALA B 73 -17.39 17.60 19.44
CA ALA B 73 -18.59 18.38 19.67
C ALA B 73 -19.84 17.56 19.41
N GLY B 74 -20.90 17.84 20.15
CA GLY B 74 -22.15 17.12 20.02
C GLY B 74 -22.24 15.91 20.92
N LEU B 75 -21.08 15.36 21.28
CA LEU B 75 -21.03 14.21 22.16
C LEU B 75 -21.05 14.64 23.62
N ARG B 76 -21.80 13.92 24.45
CA ARG B 76 -21.96 14.27 25.85
C ARG B 76 -20.85 13.66 26.70
N PHE B 77 -19.94 14.50 27.17
CA PHE B 77 -18.83 14.05 28.01
C PHE B 77 -18.23 15.19 28.82
N ALA B 78 -17.43 14.85 29.82
CA ALA B 78 -16.70 15.84 30.61
C ALA B 78 -15.22 15.52 30.57
N VAL B 79 -14.39 16.53 30.85
CA VAL B 79 -12.94 16.35 30.81
C VAL B 79 -12.28 16.92 32.06
N ARG B 80 -11.43 16.11 32.68
CA ARG B 80 -10.69 16.54 33.86
CA ARG B 80 -10.69 16.54 33.86
C ARG B 80 -9.21 16.23 33.72
N ARG B 81 -8.38 17.27 33.81
CA ARG B 81 -6.93 17.11 33.68
C ARG B 81 -6.33 16.57 34.98
N CYS B 82 -6.81 15.41 35.41
CA CYS B 82 -6.37 14.81 36.67
C CYS B 82 -5.58 13.53 36.43
N GLY B 83 -4.83 13.49 35.34
CA GLY B 83 -3.99 12.34 35.04
C GLY B 83 -2.89 12.13 36.07
N GLY B 84 -2.45 10.88 36.20
CA GLY B 84 -1.42 10.55 37.17
C GLY B 84 -0.16 9.98 36.56
N ALA B 85 0.74 9.49 37.41
CA ALA B 85 2.00 8.91 36.95
C ALA B 85 1.76 7.58 36.26
N SER B 86 0.71 6.88 36.67
CA SER B 86 0.34 5.61 36.06
C SER B 86 -1.12 5.62 35.64
N ARG B 87 -1.51 4.62 34.85
CA ARG B 87 -2.89 4.50 34.39
CA ARG B 87 -2.89 4.49 34.40
C ARG B 87 -3.82 4.27 35.58
N GLN B 88 -3.36 3.47 36.54
CA GLN B 88 -4.12 3.17 37.75
C GLN B 88 -4.39 4.43 38.56
N ALA B 89 -3.39 5.30 38.61
CA ALA B 89 -3.52 6.58 39.30
C ALA B 89 -4.52 7.47 38.57
N SER B 90 -4.44 7.46 37.24
CA SER B 90 -5.36 8.24 36.41
C SER B 90 -6.79 7.75 36.60
N VAL B 91 -6.96 6.44 36.72
CA VAL B 91 -8.27 5.84 36.93
C VAL B 91 -8.79 6.22 38.31
N MET B 92 -7.94 6.06 39.33
CA MET B 92 -8.31 6.37 40.70
C MET B 92 -8.65 7.84 40.86
N ASN B 93 -7.86 8.70 40.24
CA ASN B 93 -8.13 10.14 40.27
C ASN B 93 -9.45 10.45 39.57
N GLY B 94 -9.73 9.70 38.51
CA GLY B 94 -10.98 9.88 37.78
C GLY B 94 -12.19 9.45 38.59
N LEU B 95 -12.03 8.40 39.37
CA LEU B 95 -13.11 7.90 40.22
C LEU B 95 -13.45 8.92 41.31
N ILE B 96 -12.43 9.60 41.81
CA ILE B 96 -12.62 10.63 42.83
C ILE B 96 -13.33 11.82 42.21
N GLN B 97 -12.96 12.17 40.98
CA GLN B 97 -13.57 13.29 40.27
C GLN B 97 -15.04 13.05 39.96
N LEU B 98 -15.43 11.79 39.87
CA LEU B 98 -16.82 11.43 39.56
C LEU B 98 -17.78 11.86 40.67
N ALA B 99 -17.28 11.90 41.90
CA ALA B 99 -18.09 12.30 43.05
C ALA B 99 -18.64 13.71 42.88
N GLU B 100 -17.89 14.56 42.18
CA GLU B 100 -18.30 15.93 41.94
C GLU B 100 -19.45 15.98 40.92
N PHE B 101 -19.62 14.90 40.17
CA PHE B 101 -20.69 14.83 39.18
C PHE B 101 -21.96 14.24 39.80
N GLY B 102 -21.88 13.90 41.08
CA GLY B 102 -23.03 13.36 41.80
C GLY B 102 -22.93 11.87 42.07
N ALA B 103 -21.82 11.26 41.66
CA ALA B 103 -21.62 9.82 41.79
C ALA B 103 -21.39 9.41 43.24
N THR B 104 -22.02 8.30 43.64
CA THR B 104 -21.81 7.73 44.95
C THR B 104 -21.00 6.44 44.82
N ASP B 105 -20.52 5.92 45.95
CA ASP B 105 -19.68 4.73 45.95
C ASP B 105 -20.42 3.47 45.50
N ALA B 106 -21.75 3.53 45.52
CA ALA B 106 -22.57 2.38 45.14
C ALA B 106 -22.84 2.36 43.64
N ASP B 107 -22.50 3.47 42.97
CA ASP B 107 -22.77 3.61 41.53
C ASP B 107 -21.80 2.78 40.68
N TRP B 108 -22.27 2.38 39.50
CA TRP B 108 -21.46 1.64 38.55
C TRP B 108 -20.55 2.57 37.76
N VAL B 109 -19.35 2.10 37.45
CA VAL B 109 -18.46 2.81 36.54
C VAL B 109 -17.96 1.84 35.47
N LEU B 110 -17.94 2.30 34.24
CA LEU B 110 -17.41 1.50 33.14
C LEU B 110 -16.14 2.14 32.60
N VAL B 111 -15.00 1.55 32.93
CA VAL B 111 -13.71 2.04 32.44
C VAL B 111 -13.39 1.38 31.11
N HIS B 112 -13.24 2.21 30.07
CA HIS B 112 -12.97 1.69 28.74
C HIS B 112 -11.63 2.19 28.19
N ASP B 113 -10.99 1.34 27.39
CA ASP B 113 -9.74 1.70 26.73
C ASP B 113 -10.04 2.37 25.39
N ALA B 114 -9.47 3.55 25.18
CA ALA B 114 -9.66 4.29 23.94
C ALA B 114 -9.02 3.56 22.76
N ALA B 115 -8.10 2.65 23.05
CA ALA B 115 -7.43 1.88 22.02
C ALA B 115 -8.33 0.78 21.47
N ARG B 116 -9.58 0.73 21.95
CA ARG B 116 -10.57 -0.18 21.41
C ARG B 116 -11.75 0.62 20.86
N PRO B 117 -11.61 1.16 19.64
CA PRO B 117 -12.62 2.02 19.03
C PRO B 117 -13.79 1.25 18.44
N GLY B 118 -13.68 -0.06 18.38
CA GLY B 118 -14.72 -0.90 17.84
C GLY B 118 -15.85 -1.19 18.81
N ILE B 119 -15.82 -0.51 19.96
CA ILE B 119 -16.84 -0.71 20.98
C ILE B 119 -18.19 -0.21 20.47
N THR B 120 -19.24 -0.96 20.76
CA THR B 120 -20.57 -0.63 20.29
C THR B 120 -21.54 -0.45 21.45
N PRO B 121 -22.58 0.38 21.27
CA PRO B 121 -23.62 0.57 22.28
C PRO B 121 -24.29 -0.75 22.69
N ALA B 122 -24.39 -1.68 21.76
CA ALA B 122 -25.02 -2.97 22.03
C ALA B 122 -24.18 -3.80 23.00
N LEU B 123 -22.87 -3.79 22.81
CA LEU B 123 -21.96 -4.54 23.67
C LEU B 123 -21.89 -3.91 25.06
N ILE B 124 -22.00 -2.59 25.11
CA ILE B 124 -22.02 -1.87 26.37
C ILE B 124 -23.25 -2.28 27.18
N ARG B 125 -24.41 -2.27 26.52
CA ARG B 125 -25.66 -2.62 27.17
C ARG B 125 -25.73 -4.11 27.49
N THR B 126 -24.95 -4.92 26.78
CA THR B 126 -24.86 -6.34 27.05
C THR B 126 -24.16 -6.58 28.38
N LEU B 127 -23.04 -5.90 28.58
CA LEU B 127 -22.28 -6.00 29.83
C LEU B 127 -23.10 -5.53 31.02
N ILE B 128 -23.80 -4.40 30.82
CA ILE B 128 -24.64 -3.84 31.87
C ILE B 128 -25.82 -4.75 32.16
N GLY B 129 -26.44 -5.27 31.11
CA GLY B 129 -27.61 -6.10 31.24
C GLY B 129 -27.38 -7.43 31.95
N ALA B 130 -26.11 -7.81 32.10
CA ALA B 130 -25.76 -9.08 32.71
C ALA B 130 -25.20 -8.93 34.12
N LEU B 131 -24.71 -7.73 34.45
CA LEU B 131 -24.00 -7.55 35.71
C LEU B 131 -24.51 -6.38 36.56
N LYS B 132 -25.65 -5.81 36.17
CA LYS B 132 -26.18 -4.66 36.91
C LYS B 132 -26.68 -5.05 38.30
N ASP B 133 -26.89 -6.35 38.51
CA ASP B 133 -27.35 -6.84 39.80
C ASP B 133 -26.24 -7.59 40.54
N ASP B 134 -25.07 -7.67 39.93
CA ASP B 134 -23.94 -8.34 40.54
C ASP B 134 -23.29 -7.45 41.61
N PRO B 135 -22.95 -8.04 42.72
CA PRO B 135 -22.34 -7.28 43.81
C PRO B 135 -20.97 -6.69 43.49
N VAL B 136 -20.27 -7.34 42.60
CA VAL B 136 -18.92 -6.91 42.25
C VAL B 136 -18.89 -6.27 40.87
N GLY B 137 -19.34 -7.01 39.85
CA GLY B 137 -19.29 -6.55 38.49
C GLY B 137 -18.44 -7.47 37.63
N GLY B 138 -17.88 -6.93 36.55
CA GLY B 138 -17.04 -7.72 35.68
C GLY B 138 -16.61 -7.05 34.39
N ILE B 139 -16.12 -7.86 33.45
CA ILE B 139 -15.56 -7.36 32.20
C ILE B 139 -16.14 -8.09 31.00
N VAL B 140 -16.03 -7.49 29.82
CA VAL B 140 -16.28 -8.19 28.58
C VAL B 140 -14.99 -8.91 28.21
N ALA B 141 -15.11 -10.14 27.72
CA ALA B 141 -13.93 -10.93 27.41
C ALA B 141 -14.21 -11.99 26.34
N LEU B 142 -13.15 -12.42 25.67
CA LEU B 142 -13.25 -13.48 24.68
C LEU B 142 -12.44 -14.69 25.11
N PRO B 143 -13.05 -15.89 24.99
CA PRO B 143 -12.30 -17.13 25.23
C PRO B 143 -11.16 -17.27 24.23
N VAL B 144 -10.01 -17.75 24.69
CA VAL B 144 -8.87 -17.94 23.81
C VAL B 144 -9.21 -18.96 22.74
N ALA B 145 -9.23 -18.52 21.49
CA ALA B 145 -9.65 -19.37 20.38
C ALA B 145 -8.45 -19.95 19.63
N ASP B 146 -7.33 -19.26 19.70
CA ASP B 146 -6.12 -19.68 19.00
C ASP B 146 -5.21 -20.52 19.89
N THR B 147 -4.51 -21.47 19.28
CA THR B 147 -3.54 -22.30 20.00
C THR B 147 -2.38 -21.42 20.49
N LEU B 148 -2.08 -21.52 21.78
CA LEU B 148 -1.04 -20.69 22.38
C LEU B 148 0.34 -21.32 22.26
N LYS B 149 1.31 -20.51 21.80
CA LYS B 149 2.70 -20.94 21.71
C LYS B 149 3.55 -20.14 22.68
N ARG B 150 4.54 -20.80 23.29
CA ARG B 150 5.47 -20.11 24.16
C ARG B 150 6.75 -19.74 23.42
N VAL B 151 7.00 -18.45 23.29
CA VAL B 151 8.20 -17.96 22.62
C VAL B 151 8.97 -17.05 23.56
N PRO B 152 10.23 -17.39 23.83
CA PRO B 152 11.11 -16.56 24.67
C PRO B 152 11.15 -15.11 24.17
N ALA B 153 10.91 -14.17 25.08
CA ALA B 153 10.80 -12.75 24.72
C ALA B 153 12.06 -12.25 24.01
N GLY B 154 11.85 -11.65 22.84
CA GLY B 154 12.95 -11.13 22.04
C GLY B 154 13.32 -12.04 20.89
N GLY B 155 12.97 -13.31 21.01
CA GLY B 155 13.27 -14.28 19.97
C GLY B 155 12.07 -14.62 19.10
N ASP B 156 12.26 -15.57 18.19
CA ASP B 156 11.19 -15.97 17.28
C ASP B 156 11.05 -17.49 17.26
N ALA B 157 11.66 -18.15 18.24
CA ALA B 157 11.63 -19.60 18.31
C ALA B 157 10.51 -20.08 19.23
N ILE B 158 9.78 -21.10 18.79
CA ILE B 158 8.71 -21.68 19.59
C ILE B 158 9.28 -22.74 20.53
N GLU B 159 9.11 -22.54 21.83
CA GLU B 159 9.58 -23.49 22.82
C GLU B 159 8.65 -24.70 22.89
N ARG B 160 7.37 -24.43 23.14
CA ARG B 160 6.36 -25.48 23.19
C ARG B 160 4.96 -24.89 23.05
N THR B 161 3.94 -25.74 23.17
CA THR B 161 2.56 -25.29 23.10
C THR B 161 1.93 -25.26 24.48
N GLU B 162 1.34 -24.13 24.84
CA GLU B 162 0.68 -23.97 26.13
C GLU B 162 -0.82 -24.20 26.02
N SER B 163 -1.42 -24.73 27.09
CA SER B 163 -2.84 -25.01 27.11
C SER B 163 -3.66 -23.74 27.21
N ARG B 164 -4.74 -23.67 26.42
CA ARG B 164 -5.63 -22.52 26.46
C ARG B 164 -6.92 -22.85 27.20
N ASN B 165 -6.87 -23.96 27.96
CA ASN B 165 -8.03 -24.42 28.71
C ASN B 165 -8.36 -23.49 29.87
N GLY B 166 -9.50 -22.81 29.77
CA GLY B 166 -9.96 -21.93 30.82
C GLY B 166 -9.41 -20.51 30.76
N LEU B 167 -8.75 -20.19 29.66
CA LEU B 167 -8.14 -18.87 29.49
C LEU B 167 -9.02 -17.95 28.65
N TRP B 168 -9.18 -16.72 29.12
CA TRP B 168 -9.98 -15.71 28.42
C TRP B 168 -9.13 -14.50 28.07
N GLN B 169 -9.48 -13.83 26.99
CA GLN B 169 -8.82 -12.59 26.61
C GLN B 169 -9.64 -11.40 27.12
N ALA B 170 -9.09 -10.69 28.11
CA ALA B 170 -9.80 -9.58 28.72
C ALA B 170 -9.91 -8.39 27.77
N GLN B 171 -11.06 -7.72 27.82
CA GLN B 171 -11.30 -6.52 27.02
C GLN B 171 -11.84 -5.39 27.91
N THR B 172 -12.31 -4.33 27.26
CA THR B 172 -12.96 -3.22 27.94
C THR B 172 -14.28 -2.93 27.22
N PRO B 173 -15.24 -2.28 27.90
CA PRO B 173 -15.24 -1.68 29.24
C PRO B 173 -15.21 -2.70 30.38
N GLN B 174 -14.75 -2.26 31.54
CA GLN B 174 -14.73 -3.09 32.73
C GLN B 174 -15.65 -2.51 33.79
N MET B 175 -16.72 -3.23 34.08
CA MET B 175 -17.80 -2.71 34.91
C MET B 175 -17.63 -3.08 36.38
N PHE B 176 -17.38 -2.06 37.20
CA PHE B 176 -17.25 -2.26 38.64
C PHE B 176 -17.87 -1.08 39.38
N ARG B 177 -17.96 -1.18 40.71
CA ARG B 177 -18.52 -0.10 41.51
C ARG B 177 -17.43 0.86 41.95
N ILE B 178 -17.77 2.15 41.99
CA ILE B 178 -16.81 3.22 42.22
C ILE B 178 -16.07 3.07 43.55
N GLY B 179 -16.83 2.86 44.63
CA GLY B 179 -16.25 2.71 45.95
C GLY B 179 -15.26 1.56 46.06
N MET B 180 -15.67 0.39 45.58
CA MET B 180 -14.84 -0.80 45.66
C MET B 180 -13.60 -0.69 44.77
N LEU B 181 -13.78 -0.16 43.56
CA LEU B 181 -12.68 -0.03 42.61
C LEU B 181 -11.65 0.99 43.06
N ARG B 182 -12.12 2.08 43.67
CA ARG B 182 -11.23 3.13 44.15
C ARG B 182 -10.32 2.61 45.27
N ASP B 183 -10.92 1.93 46.24
CA ASP B 183 -10.18 1.41 47.39
C ASP B 183 -9.27 0.27 46.98
N ALA B 184 -9.68 -0.49 45.97
CA ALA B 184 -8.88 -1.61 45.48
C ALA B 184 -7.58 -1.11 44.85
N ILE B 185 -7.69 -0.06 44.05
CA ILE B 185 -6.53 0.53 43.39
C ILE B 185 -5.62 1.16 44.44
N GLN B 186 -6.21 1.90 45.38
CA GLN B 186 -5.45 2.57 46.43
C GLN B 186 -4.71 1.56 47.30
N ARG B 187 -5.34 0.42 47.55
CA ARG B 187 -4.71 -0.65 48.32
C ARG B 187 -3.47 -1.16 47.60
N ALA B 188 -3.55 -1.26 46.28
CA ALA B 188 -2.42 -1.69 45.46
C ALA B 188 -1.38 -0.58 45.37
N GLN B 189 -1.83 0.66 45.53
CA GLN B 189 -0.93 1.81 45.51
C GLN B 189 -0.05 1.83 46.76
N LEU B 190 -0.65 1.59 47.92
CA LEU B 190 0.08 1.57 49.18
C LEU B 190 0.86 0.27 49.34
N GLU B 191 0.60 -0.68 48.45
CA GLU B 191 1.31 -1.95 48.46
C GLU B 191 2.39 -1.96 47.38
N GLY B 192 2.39 -0.91 46.56
CA GLY B 192 3.38 -0.77 45.49
C GLY B 192 3.27 -1.84 44.43
N ARG B 193 2.05 -2.26 44.12
CA ARG B 193 1.81 -3.31 43.14
C ARG B 193 1.52 -2.73 41.76
N ASP B 194 2.08 -3.35 40.73
CA ASP B 194 1.85 -2.92 39.36
C ASP B 194 0.67 -3.68 38.74
N LEU B 195 -0.51 -3.10 38.82
CA LEU B 195 -1.71 -3.70 38.25
C LEU B 195 -1.69 -3.67 36.73
N THR B 196 -2.61 -4.41 36.12
CA THR B 196 -2.75 -4.42 34.67
C THR B 196 -4.01 -3.66 34.26
N ASP B 197 -5.17 -4.29 34.47
CA ASP B 197 -6.45 -3.63 34.23
C ASP B 197 -7.19 -3.40 35.54
N GLU B 198 -8.41 -2.89 35.45
CA GLU B 198 -9.22 -2.63 36.62
C GLU B 198 -9.63 -3.94 37.29
N ALA B 199 -9.80 -4.98 36.48
CA ALA B 199 -10.20 -6.29 36.98
C ALA B 199 -9.17 -6.87 37.95
N SER B 200 -7.89 -6.75 37.59
CA SER B 200 -6.81 -7.27 38.42
C SER B 200 -6.77 -6.57 39.78
N ALA B 201 -7.16 -5.31 39.80
CA ALA B 201 -7.25 -4.55 41.04
C ALA B 201 -8.34 -5.14 41.93
N ILE B 202 -9.45 -5.51 41.30
CA ILE B 202 -10.58 -6.12 42.00
C ILE B 202 -10.19 -7.52 42.50
N GLU B 203 -9.43 -8.24 41.68
CA GLU B 203 -9.00 -9.59 42.03
C GLU B 203 -8.07 -9.59 43.24
N TRP B 204 -7.07 -8.72 43.23
CA TRP B 204 -6.11 -8.64 44.32
C TRP B 204 -6.75 -8.09 45.59
N ALA B 205 -7.85 -7.35 45.45
CA ALA B 205 -8.56 -6.79 46.59
C ALA B 205 -9.33 -7.88 47.33
N GLY B 206 -9.54 -9.01 46.67
CA GLY B 206 -10.22 -10.14 47.29
C GLY B 206 -11.61 -10.40 46.74
N HIS B 207 -12.01 -9.61 45.74
CA HIS B 207 -13.33 -9.77 45.14
C HIS B 207 -13.22 -10.58 43.85
N THR B 208 -14.35 -11.12 43.40
CA THR B 208 -14.37 -11.97 42.22
C THR B 208 -15.13 -11.33 41.06
N PRO B 209 -14.40 -10.80 40.07
CA PRO B 209 -15.02 -10.24 38.86
C PRO B 209 -15.50 -11.34 37.93
N ARG B 210 -16.40 -11.01 37.01
CA ARG B 210 -16.95 -12.00 36.09
C ARG B 210 -16.71 -11.61 34.64
N VAL B 211 -16.88 -12.57 33.74
CA VAL B 211 -16.67 -12.32 32.32
C VAL B 211 -17.99 -12.33 31.56
N VAL B 212 -18.07 -11.49 30.54
CA VAL B 212 -19.21 -11.46 29.64
C VAL B 212 -18.66 -11.58 28.22
N GLN B 213 -19.38 -12.30 27.36
CA GLN B 213 -18.94 -12.51 25.98
C GLN B 213 -18.70 -11.19 25.26
N GLY B 214 -17.45 -10.96 24.86
CA GLY B 214 -17.07 -9.76 24.15
C GLY B 214 -17.20 -9.90 22.65
N SER B 215 -16.39 -9.16 21.91
CA SER B 215 -16.45 -9.18 20.45
C SER B 215 -15.07 -9.02 19.82
N LEU B 216 -14.86 -9.68 18.69
CA LEU B 216 -13.62 -9.55 17.93
C LEU B 216 -13.51 -8.16 17.32
N ARG B 217 -14.63 -7.48 17.20
CA ARG B 217 -14.68 -6.10 16.72
C ARG B 217 -14.09 -5.17 17.76
N ASN B 218 -14.08 -5.63 19.01
CA ASN B 218 -13.62 -4.82 20.14
C ASN B 218 -12.12 -5.04 20.40
N PHE B 219 -11.36 -5.25 19.33
CA PHE B 219 -9.93 -5.48 19.47
C PHE B 219 -9.19 -4.20 19.81
N LYS B 220 -7.99 -4.35 20.40
CA LYS B 220 -7.17 -3.21 20.79
C LYS B 220 -6.17 -2.87 19.70
N VAL B 221 -6.04 -1.58 19.37
CA VAL B 221 -5.11 -1.14 18.35
C VAL B 221 -3.72 -0.92 18.97
N THR B 222 -2.70 -1.44 18.30
CA THR B 222 -1.32 -1.29 18.76
C THR B 222 -0.38 -1.02 17.59
N TYR B 223 -0.41 -1.91 16.60
CA TYR B 223 0.46 -1.82 15.44
C TYR B 223 -0.22 -0.99 14.35
N PRO B 224 0.58 -0.40 13.43
CA PRO B 224 0.03 0.36 12.31
C PRO B 224 -0.98 -0.45 11.48
N GLU B 225 -0.74 -1.76 11.38
CA GLU B 225 -1.63 -2.65 10.65
C GLU B 225 -3.01 -2.71 11.32
N ASP B 226 -3.03 -2.59 12.64
CA ASP B 226 -4.28 -2.66 13.39
C ASP B 226 -5.17 -1.44 13.12
N PHE B 227 -4.54 -0.28 12.93
CA PHE B 227 -5.28 0.94 12.63
C PHE B 227 -5.94 0.85 11.25
N ASP B 228 -5.28 0.14 10.34
CA ASP B 228 -5.80 -0.03 8.99
C ASP B 228 -7.07 -0.90 9.00
N LEU B 229 -7.10 -1.88 9.87
CA LEU B 229 -8.24 -2.76 9.97
C LEU B 229 -9.46 -2.06 10.53
N ALA B 230 -9.20 -1.30 11.57
CA ALA B 230 -10.20 -0.56 12.27
C ALA B 230 -10.78 0.54 11.42
N GLU B 231 -9.91 1.18 10.65
CA GLU B 231 -10.29 2.28 9.78
C GLU B 231 -11.17 1.77 8.70
N ALA B 232 -11.18 0.47 8.57
CA ALA B 232 -11.97 -0.30 7.62
C ALA B 232 -13.22 -0.90 8.24
N ILE B 233 -13.08 -1.46 9.44
CA ILE B 233 -14.19 -2.13 10.10
C ILE B 233 -15.20 -1.14 10.66
N LEU B 234 -14.78 0.12 10.79
CA LEU B 234 -15.66 1.17 11.30
C LEU B 234 -16.42 1.86 10.18
N ALA B 235 -17.72 1.59 10.11
CA ALA B 235 -18.61 2.15 9.09
C ALA B 235 -18.11 1.86 7.68
N MET C 5 26.56 -19.19 -40.40
CA MET C 5 26.22 -18.87 -39.02
C MET C 5 27.21 -17.86 -38.43
N VAL C 6 26.98 -16.58 -38.72
CA VAL C 6 27.85 -15.53 -38.22
C VAL C 6 27.03 -14.53 -37.40
N THR C 7 27.66 -13.41 -37.04
CA THR C 7 27.00 -12.38 -36.24
C THR C 7 26.44 -11.28 -37.12
N SER C 8 25.29 -10.74 -36.70
CA SER C 8 24.66 -9.63 -37.41
C SER C 8 25.36 -8.32 -37.06
N ARG C 9 25.65 -7.52 -38.08
CA ARG C 9 26.32 -6.23 -37.87
C ARG C 9 25.35 -5.17 -37.41
N LEU C 10 25.88 -4.15 -36.74
CA LEU C 10 25.06 -3.06 -36.19
C LEU C 10 25.22 -1.78 -37.00
N PHE C 11 24.09 -1.20 -37.40
CA PHE C 11 24.09 0.05 -38.14
C PHE C 11 23.20 1.08 -37.47
N ALA C 12 23.60 2.35 -37.54
CA ALA C 12 22.80 3.43 -36.96
C ALA C 12 22.17 4.27 -38.06
N LEU C 13 20.88 4.54 -37.93
CA LEU C 13 20.16 5.33 -38.91
C LEU C 13 19.48 6.52 -38.24
N ILE C 14 19.88 7.73 -38.63
CA ILE C 14 19.31 8.94 -38.05
C ILE C 14 18.66 9.75 -39.16
N PRO C 15 17.31 9.72 -39.22
CA PRO C 15 16.55 10.49 -40.22
C PRO C 15 16.46 11.97 -39.86
N CYS C 16 16.93 12.82 -40.76
CA CYS C 16 16.89 14.26 -40.54
C CYS C 16 16.31 14.98 -41.77
N ALA C 17 15.32 14.36 -42.40
CA ALA C 17 14.69 14.93 -43.58
C ALA C 17 13.36 15.59 -43.22
N LEU C 27 13.62 26.89 -38.95
CA LEU C 27 14.87 26.19 -38.67
C LEU C 27 14.61 24.79 -38.11
N PRO C 28 15.12 23.76 -38.79
CA PRO C 28 14.99 22.37 -38.34
C PRO C 28 15.61 22.15 -36.96
N LYS C 29 15.05 21.21 -36.20
CA LYS C 29 15.52 20.95 -34.83
C LYS C 29 16.97 20.47 -34.77
N GLN C 30 17.38 19.66 -35.74
CA GLN C 30 18.70 19.04 -35.70
C GLN C 30 19.83 20.04 -35.92
N TYR C 31 19.49 21.24 -36.38
CA TYR C 31 20.50 22.26 -36.63
C TYR C 31 20.46 23.38 -35.58
N ARG C 32 19.59 23.21 -34.58
CA ARG C 32 19.53 24.16 -33.47
C ARG C 32 20.73 23.96 -32.54
N THR C 33 21.25 25.05 -32.00
CA THR C 33 22.42 24.99 -31.15
C THR C 33 22.03 24.69 -29.71
N LEU C 34 22.52 23.58 -29.19
CA LEU C 34 22.26 23.18 -27.81
C LEU C 34 23.57 23.00 -27.07
N ALA C 35 23.85 23.90 -26.13
CA ALA C 35 25.11 23.93 -25.40
C ALA C 35 26.30 24.01 -26.36
N GLY C 36 26.27 25.00 -27.24
CA GLY C 36 27.38 25.26 -28.15
C GLY C 36 27.50 24.34 -29.34
N ARG C 37 26.64 23.33 -29.40
CA ARG C 37 26.70 22.35 -30.49
C ARG C 37 25.33 22.12 -31.11
N ALA C 38 25.34 21.65 -32.36
CA ALA C 38 24.10 21.30 -33.05
C ALA C 38 23.42 20.14 -32.35
N LEU C 39 22.10 20.06 -32.46
CA LEU C 39 21.33 19.01 -31.79
C LEU C 39 21.70 17.63 -32.30
N LEU C 40 22.06 17.55 -33.58
CA LEU C 40 22.42 16.29 -34.21
C LEU C 40 23.73 15.73 -33.66
N HIS C 41 24.60 16.62 -33.20
CA HIS C 41 25.92 16.24 -32.72
C HIS C 41 25.87 15.24 -31.57
N TYR C 42 24.93 15.43 -30.64
CA TYR C 42 24.84 14.59 -29.46
C TYR C 42 24.44 13.16 -29.80
N THR C 43 23.60 13.00 -30.81
CA THR C 43 23.21 11.68 -31.28
C THR C 43 24.37 11.00 -32.00
N LEU C 44 25.04 11.76 -32.85
CA LEU C 44 26.19 11.25 -33.60
C LEU C 44 27.34 10.86 -32.67
N ALA C 45 27.53 11.67 -31.62
CA ALA C 45 28.59 11.40 -30.65
C ALA C 45 28.28 10.17 -29.81
N ALA C 46 26.99 9.92 -29.59
CA ALA C 46 26.56 8.77 -28.79
C ALA C 46 26.88 7.45 -29.50
N PHE C 47 26.66 7.42 -30.80
CA PHE C 47 26.93 6.22 -31.59
C PHE C 47 28.41 6.11 -31.95
N ASP C 48 29.07 7.25 -32.08
CA ASP C 48 30.50 7.29 -32.39
C ASP C 48 31.30 6.64 -31.26
N ALA C 49 30.82 6.77 -30.04
CA ALA C 49 31.46 6.17 -28.87
C ALA C 49 31.34 4.65 -28.93
N CYS C 50 30.32 4.16 -29.65
CA CYS C 50 30.10 2.73 -29.79
C CYS C 50 30.84 2.20 -31.02
N SER C 51 32.09 1.81 -30.82
CA SER C 51 32.96 1.41 -31.92
C SER C 51 32.55 0.07 -32.55
N GLU C 52 31.63 -0.64 -31.90
CA GLU C 52 31.18 -1.93 -32.43
C GLU C 52 30.21 -1.75 -33.60
N PHE C 53 29.75 -0.52 -33.79
CA PHE C 53 28.88 -0.20 -34.93
C PHE C 53 29.68 -0.20 -36.22
N ALA C 54 29.07 -0.70 -37.29
CA ALA C 54 29.72 -0.74 -38.58
C ALA C 54 29.82 0.65 -39.20
N GLN C 55 28.69 1.36 -39.18
CA GLN C 55 28.63 2.73 -39.70
C GLN C 55 27.34 3.43 -39.27
N THR C 56 27.43 4.73 -39.02
CA THR C 56 26.27 5.55 -38.74
C THR C 56 25.85 6.30 -40.00
N LEU C 57 24.58 6.22 -40.36
CA LEU C 57 24.07 6.87 -41.56
C LEU C 57 23.10 8.00 -41.22
N VAL C 58 23.36 9.17 -41.78
CA VAL C 58 22.48 10.32 -41.61
C VAL C 58 21.70 10.57 -42.90
N VAL C 59 20.40 10.70 -42.78
CA VAL C 59 19.55 10.94 -43.94
C VAL C 59 18.98 12.37 -43.90
N ILE C 60 19.35 13.18 -44.89
CA ILE C 60 18.84 14.54 -44.97
C ILE C 60 18.08 14.75 -46.27
N SER C 61 17.28 15.81 -46.32
CA SER C 61 16.51 16.15 -47.50
C SER C 61 17.44 16.53 -48.66
N PRO C 62 17.03 16.19 -49.90
CA PRO C 62 17.81 16.57 -51.08
C PRO C 62 17.87 18.08 -51.28
N ASP C 63 16.94 18.81 -50.66
CA ASP C 63 16.91 20.26 -50.77
C ASP C 63 17.42 20.93 -49.50
N ASP C 64 18.13 20.16 -48.67
CA ASP C 64 18.70 20.70 -47.44
C ASP C 64 19.84 21.65 -47.77
N ALA C 65 19.90 22.77 -47.05
CA ALA C 65 20.92 23.77 -47.30
C ALA C 65 21.56 24.25 -45.99
N HIS C 66 21.24 23.56 -44.90
CA HIS C 66 21.78 23.92 -43.59
C HIS C 66 22.83 22.93 -43.11
N PHE C 67 22.82 21.72 -43.66
CA PHE C 67 23.75 20.69 -43.24
C PHE C 67 25.19 21.01 -43.60
N ASP C 68 26.05 21.04 -42.60
CA ASP C 68 27.48 21.23 -42.80
C ASP C 68 28.22 20.17 -41.99
N ALA C 69 28.88 19.26 -42.70
CA ALA C 69 29.54 18.12 -42.07
C ALA C 69 30.64 18.54 -41.10
N ARG C 70 31.21 19.71 -41.33
CA ARG C 70 32.30 20.23 -40.50
C ARG C 70 31.86 20.46 -39.05
N ARG C 71 30.55 20.62 -38.84
CA ARG C 71 30.02 20.83 -37.51
C ARG C 71 30.02 19.54 -36.69
N PHE C 72 30.42 18.44 -37.32
CA PHE C 72 30.47 17.15 -36.64
C PHE C 72 31.79 16.43 -36.93
N ALA C 73 32.88 17.21 -36.96
CA ALA C 73 34.20 16.66 -37.27
C ALA C 73 34.68 15.74 -36.15
N GLY C 74 35.39 14.68 -36.53
CA GLY C 74 35.92 13.73 -35.57
C GLY C 74 34.98 12.55 -35.32
N LEU C 75 33.71 12.75 -35.63
CA LEU C 75 32.71 11.71 -35.44
C LEU C 75 32.57 10.85 -36.70
N ARG C 76 32.45 9.54 -36.50
CA ARG C 76 32.36 8.61 -37.63
C ARG C 76 30.91 8.46 -38.09
N PHE C 77 30.61 8.98 -39.28
CA PHE C 77 29.28 8.87 -39.85
C PHE C 77 29.29 9.13 -41.35
N ALA C 78 28.17 8.83 -42.01
CA ALA C 78 28.02 9.10 -43.43
C ALA C 78 26.72 9.87 -43.68
N VAL C 79 26.69 10.63 -44.77
CA VAL C 79 25.51 11.43 -45.08
C VAL C 79 25.03 11.16 -46.51
N ARG C 80 23.73 10.90 -46.63
CA ARG C 80 23.11 10.68 -47.93
C ARG C 80 21.86 11.54 -48.08
N ARG C 81 21.74 12.22 -49.22
CA ARG C 81 20.60 13.09 -49.46
C ARG C 81 19.44 12.33 -50.08
N CYS C 82 19.07 11.21 -49.44
CA CYS C 82 17.98 10.38 -49.91
C CYS C 82 16.72 10.64 -49.10
N GLY C 83 16.55 11.89 -48.67
CA GLY C 83 15.37 12.28 -47.91
C GLY C 83 14.08 12.11 -48.69
N GLY C 84 13.00 11.81 -47.97
CA GLY C 84 11.71 11.60 -48.60
C GLY C 84 10.64 12.58 -48.17
N ALA C 85 9.42 12.38 -48.67
CA ALA C 85 8.30 13.26 -48.36
C ALA C 85 7.80 13.03 -46.93
N SER C 86 8.23 11.94 -46.33
CA SER C 86 7.85 11.61 -44.96
C SER C 86 9.03 10.97 -44.23
N ARG C 87 8.89 10.80 -42.91
CA ARG C 87 9.94 10.18 -42.13
C ARG C 87 10.05 8.69 -42.44
N GLN C 88 8.91 8.06 -42.70
CA GLN C 88 8.88 6.65 -43.04
C GLN C 88 9.59 6.39 -44.35
N ALA C 89 9.41 7.29 -45.31
CA ALA C 89 10.07 7.17 -46.60
C ALA C 89 11.56 7.45 -46.47
N SER C 90 11.91 8.42 -45.63
CA SER C 90 13.29 8.77 -45.39
C SER C 90 14.04 7.63 -44.73
N VAL C 91 13.40 7.00 -43.75
CA VAL C 91 13.97 5.85 -43.06
C VAL C 91 14.13 4.70 -44.04
N MET C 92 13.10 4.47 -44.86
CA MET C 92 13.12 3.41 -45.86
C MET C 92 14.23 3.61 -46.87
N ASN C 93 14.33 4.83 -47.40
CA ASN C 93 15.38 5.17 -48.36
C ASN C 93 16.76 5.03 -47.72
N GLY C 94 16.82 5.25 -46.41
CA GLY C 94 18.05 5.07 -45.66
C GLY C 94 18.46 3.62 -45.56
N LEU C 95 17.47 2.75 -45.41
CA LEU C 95 17.71 1.31 -45.32
C LEU C 95 18.23 0.76 -46.65
N ILE C 96 17.75 1.35 -47.75
CA ILE C 96 18.19 0.97 -49.08
C ILE C 96 19.63 1.44 -49.29
N GLN C 97 19.95 2.59 -48.73
CA GLN C 97 21.30 3.15 -48.84
C GLN C 97 22.30 2.36 -48.01
N LEU C 98 21.83 1.75 -46.93
CA LEU C 98 22.69 0.96 -46.05
C LEU C 98 23.32 -0.22 -46.77
N ALA C 99 22.60 -0.74 -47.77
CA ALA C 99 23.07 -1.90 -48.53
C ALA C 99 24.40 -1.62 -49.23
N GLU C 100 24.62 -0.35 -49.58
CA GLU C 100 25.85 0.05 -50.25
C GLU C 100 27.03 0.05 -49.27
N PHE C 101 26.73 0.17 -47.98
CA PHE C 101 27.76 0.19 -46.95
C PHE C 101 28.14 -1.23 -46.52
N GLY C 102 27.61 -2.22 -47.22
CA GLY C 102 27.91 -3.61 -46.94
C GLY C 102 26.91 -4.29 -46.03
N ALA C 103 25.80 -3.61 -45.77
CA ALA C 103 24.76 -4.14 -44.90
C ALA C 103 23.90 -5.17 -45.62
N THR C 104 23.50 -6.22 -44.90
CA THR C 104 22.59 -7.21 -45.44
C THR C 104 21.22 -7.07 -44.78
N ASP C 105 20.26 -7.86 -45.25
CA ASP C 105 18.90 -7.80 -44.72
C ASP C 105 18.79 -8.48 -43.35
N ALA C 106 19.86 -9.13 -42.92
CA ALA C 106 19.86 -9.84 -41.65
C ALA C 106 20.51 -9.01 -40.54
N ASP C 107 21.17 -7.93 -40.92
CA ASP C 107 21.87 -7.08 -39.97
C ASP C 107 20.90 -6.19 -39.19
N TRP C 108 21.38 -5.66 -38.06
CA TRP C 108 20.56 -4.78 -37.22
C TRP C 108 20.70 -3.32 -37.62
N VAL C 109 19.59 -2.59 -37.55
CA VAL C 109 19.64 -1.14 -37.71
C VAL C 109 18.99 -0.50 -36.49
N LEU C 110 19.59 0.58 -36.01
CA LEU C 110 19.05 1.31 -34.88
C LEU C 110 18.62 2.70 -35.32
N VAL C 111 17.32 2.89 -35.48
CA VAL C 111 16.78 4.17 -35.91
C VAL C 111 16.55 5.06 -34.70
N HIS C 112 17.31 6.15 -34.61
CA HIS C 112 17.20 7.07 -33.49
C HIS C 112 16.66 8.42 -33.94
N ASP C 113 15.91 9.07 -33.06
CA ASP C 113 15.40 10.41 -33.34
C ASP C 113 16.35 11.46 -32.78
N ALA C 114 16.76 12.39 -33.63
CA ALA C 114 17.72 13.42 -33.24
C ALA C 114 17.16 14.37 -32.17
N ALA C 115 15.84 14.32 -31.99
CA ALA C 115 15.17 15.16 -31.00
C ALA C 115 15.33 14.59 -29.59
N ARG C 116 16.11 13.52 -29.47
CA ARG C 116 16.41 12.94 -28.16
C ARG C 116 17.92 12.91 -27.95
N PRO C 117 18.51 14.08 -27.65
CA PRO C 117 19.97 14.23 -27.54
C PRO C 117 20.55 13.63 -26.26
N GLY C 118 19.68 13.26 -25.33
CA GLY C 118 20.12 12.68 -24.08
C GLY C 118 20.48 11.22 -24.17
N ILE C 119 20.47 10.70 -25.40
CA ILE C 119 20.81 9.30 -25.64
C ILE C 119 22.26 9.04 -25.21
N THR C 120 22.46 7.95 -24.47
CA THR C 120 23.78 7.61 -23.96
C THR C 120 24.27 6.30 -24.55
N PRO C 121 25.60 6.17 -24.71
CA PRO C 121 26.19 4.92 -25.20
C PRO C 121 25.84 3.71 -24.34
N ALA C 122 25.61 3.95 -23.04
CA ALA C 122 25.24 2.89 -22.12
C ALA C 122 23.85 2.36 -22.43
N LEU C 123 22.94 3.27 -22.77
CA LEU C 123 21.57 2.89 -23.10
C LEU C 123 21.52 2.17 -24.45
N ILE C 124 22.40 2.58 -25.36
CA ILE C 124 22.49 1.97 -26.68
C ILE C 124 22.92 0.51 -26.54
N ARG C 125 23.96 0.27 -25.75
CA ARG C 125 24.50 -1.07 -25.54
C ARG C 125 23.59 -1.91 -24.64
N THR C 126 22.70 -1.24 -23.91
CA THR C 126 21.70 -1.92 -23.10
C THR C 126 20.66 -2.57 -24.00
N LEU C 127 20.19 -1.80 -24.98
CA LEU C 127 19.20 -2.28 -25.94
C LEU C 127 19.76 -3.40 -26.81
N ILE C 128 20.99 -3.22 -27.27
CA ILE C 128 21.64 -4.19 -28.14
C ILE C 128 21.88 -5.49 -27.40
N GLY C 129 22.43 -5.40 -26.19
CA GLY C 129 22.74 -6.58 -25.40
C GLY C 129 21.54 -7.33 -24.87
N ALA C 130 20.34 -6.87 -25.24
CA ALA C 130 19.11 -7.50 -24.78
C ALA C 130 18.32 -8.09 -25.94
N LEU C 131 18.54 -7.56 -27.14
CA LEU C 131 17.75 -7.96 -28.30
C LEU C 131 18.59 -8.44 -29.49
N LYS C 132 19.89 -8.68 -29.25
CA LYS C 132 20.78 -9.14 -30.31
C LYS C 132 20.32 -10.50 -30.82
N ASP C 133 19.89 -11.37 -29.90
CA ASP C 133 19.50 -12.71 -30.26
C ASP C 133 18.00 -12.80 -30.56
N ASP C 134 17.31 -11.68 -30.46
CA ASP C 134 15.86 -11.65 -30.71
C ASP C 134 15.57 -11.67 -32.22
N PRO C 135 14.60 -12.49 -32.63
CA PRO C 135 14.22 -12.62 -34.05
C PRO C 135 13.80 -11.30 -34.69
N VAL C 136 13.00 -10.52 -33.97
CA VAL C 136 12.48 -9.26 -34.51
C VAL C 136 13.27 -8.07 -34.00
N GLY C 137 13.35 -7.94 -32.67
CA GLY C 137 14.02 -6.81 -32.05
C GLY C 137 13.10 -6.06 -31.11
N GLY C 138 13.22 -4.73 -31.11
CA GLY C 138 12.37 -3.90 -30.28
C GLY C 138 12.86 -2.49 -30.05
N ILE C 139 12.27 -1.82 -29.06
CA ILE C 139 12.57 -0.42 -28.79
C ILE C 139 12.91 -0.21 -27.32
N VAL C 140 13.55 0.91 -27.02
CA VAL C 140 13.71 1.35 -25.64
C VAL C 140 12.45 2.12 -25.26
N ALA C 141 11.94 1.88 -24.06
CA ALA C 141 10.68 2.50 -23.64
C ALA C 141 10.58 2.65 -22.13
N LEU C 142 9.71 3.55 -21.70
CA LEU C 142 9.44 3.77 -20.29
C LEU C 142 7.98 3.50 -19.97
N PRO C 143 7.72 2.78 -18.86
CA PRO C 143 6.34 2.58 -18.40
C PRO C 143 5.71 3.91 -18.00
N VAL C 144 4.41 4.05 -18.23
CA VAL C 144 3.71 5.27 -17.85
C VAL C 144 3.69 5.41 -16.34
N ALA C 145 4.44 6.39 -15.84
CA ALA C 145 4.59 6.58 -14.39
C ALA C 145 3.52 7.51 -13.83
N ASP C 146 3.12 8.49 -14.63
CA ASP C 146 2.15 9.49 -14.18
C ASP C 146 0.72 9.04 -14.42
N THR C 147 -0.19 9.49 -13.57
CA THR C 147 -1.60 9.20 -13.72
C THR C 147 -2.14 9.87 -14.98
N LEU C 148 -2.77 9.08 -15.84
CA LEU C 148 -3.26 9.58 -17.12
C LEU C 148 -4.62 10.26 -16.98
N LYS C 149 -4.75 11.44 -17.58
CA LYS C 149 -5.99 12.19 -17.57
C LYS C 149 -6.49 12.39 -18.99
N ARG C 150 -7.80 12.24 -19.19
CA ARG C 150 -8.39 12.49 -20.51
C ARG C 150 -8.94 13.90 -20.60
N VAL C 151 -8.35 14.70 -21.46
CA VAL C 151 -8.80 16.07 -21.68
C VAL C 151 -9.16 16.27 -23.15
N PRO C 152 -10.45 16.53 -23.44
CA PRO C 152 -10.95 16.76 -24.80
C PRO C 152 -10.13 17.79 -25.56
N ALA C 153 -10.06 17.63 -26.87
CA ALA C 153 -9.25 18.50 -27.72
C ALA C 153 -9.69 19.96 -27.63
N GLY C 154 -8.74 20.85 -27.41
CA GLY C 154 -9.04 22.27 -27.30
C GLY C 154 -9.26 22.71 -25.86
N GLY C 155 -10.26 22.13 -25.22
CA GLY C 155 -10.59 22.46 -23.84
C GLY C 155 -9.52 22.05 -22.85
N ASP C 156 -9.63 22.55 -21.63
CA ASP C 156 -8.66 22.24 -20.58
C ASP C 156 -9.33 21.52 -19.41
N ALA C 157 -10.49 20.93 -19.68
CA ALA C 157 -11.25 20.25 -18.63
C ALA C 157 -10.96 18.75 -18.60
N ILE C 158 -10.78 18.21 -17.40
CA ILE C 158 -10.55 16.78 -17.22
C ILE C 158 -11.87 16.03 -17.23
N GLU C 159 -12.04 15.15 -18.20
CA GLU C 159 -13.24 14.33 -18.30
C GLU C 159 -13.22 13.20 -17.28
N ARG C 160 -12.11 12.49 -17.24
CA ARG C 160 -11.96 11.33 -16.36
C ARG C 160 -10.50 10.93 -16.21
N THR C 161 -10.26 9.83 -15.52
CA THR C 161 -8.91 9.29 -15.36
C THR C 161 -8.77 7.97 -16.10
N GLU C 162 -7.87 7.91 -17.08
CA GLU C 162 -7.64 6.72 -17.86
C GLU C 162 -6.66 5.78 -17.17
N SER C 163 -6.80 4.48 -17.45
CA SER C 163 -5.91 3.48 -16.87
C SER C 163 -4.54 3.51 -17.55
N ARG C 164 -3.49 3.51 -16.75
CA ARG C 164 -2.12 3.49 -17.26
C ARG C 164 -1.55 2.08 -17.17
N ASN C 165 -2.41 1.13 -16.85
CA ASN C 165 -2.00 -0.27 -16.69
C ASN C 165 -1.58 -0.89 -18.02
N GLY C 166 -0.33 -1.33 -18.09
CA GLY C 166 0.18 -1.98 -19.28
C GLY C 166 0.58 -1.03 -20.39
N LEU C 167 0.67 0.26 -20.07
CA LEU C 167 1.02 1.27 -21.06
C LEU C 167 2.47 1.73 -20.92
N TRP C 168 3.14 1.86 -22.05
CA TRP C 168 4.53 2.28 -22.10
C TRP C 168 4.73 3.51 -22.98
N GLN C 169 5.74 4.31 -22.65
CA GLN C 169 6.10 5.46 -23.47
C GLN C 169 7.27 5.09 -24.38
N ALA C 170 7.04 5.16 -25.69
CA ALA C 170 8.04 4.73 -26.67
C ALA C 170 9.15 5.76 -26.85
N GLN C 171 10.37 5.26 -26.99
CA GLN C 171 11.52 6.12 -27.26
C GLN C 171 12.34 5.57 -28.43
N THR C 172 13.46 6.22 -28.72
CA THR C 172 14.42 5.74 -29.71
C THR C 172 15.76 5.58 -29.00
N PRO C 173 16.67 4.75 -29.55
CA PRO C 173 16.67 4.02 -30.82
C PRO C 173 15.69 2.84 -30.87
N GLN C 174 15.30 2.47 -32.09
CA GLN C 174 14.43 1.33 -32.29
C GLN C 174 15.18 0.26 -33.10
N MET C 175 15.44 -0.87 -32.46
CA MET C 175 16.33 -1.89 -33.01
C MET C 175 15.58 -2.98 -33.77
N PHE C 176 15.71 -2.97 -35.09
CA PHE C 176 15.07 -3.98 -35.94
C PHE C 176 16.02 -4.41 -37.06
N ARG C 177 15.68 -5.53 -37.70
CA ARG C 177 16.47 -6.02 -38.83
C ARG C 177 16.17 -5.18 -40.06
N ILE C 178 17.19 -4.96 -40.88
CA ILE C 178 17.08 -4.08 -42.05
C ILE C 178 16.05 -4.60 -43.04
N GLY C 179 16.15 -5.88 -43.38
CA GLY C 179 15.23 -6.49 -44.33
C GLY C 179 13.78 -6.45 -43.91
N MET C 180 13.52 -6.80 -42.66
CA MET C 180 12.15 -6.86 -42.15
C MET C 180 11.54 -5.46 -42.03
N LEU C 181 12.34 -4.50 -41.59
CA LEU C 181 11.85 -3.13 -41.42
C LEU C 181 11.59 -2.47 -42.76
N ARG C 182 12.46 -2.73 -43.74
CA ARG C 182 12.31 -2.16 -45.07
C ARG C 182 11.01 -2.65 -45.73
N ASP C 183 10.77 -3.94 -45.65
CA ASP C 183 9.57 -4.54 -46.22
C ASP C 183 8.31 -4.06 -45.50
N ALA C 184 8.43 -3.86 -44.20
CA ALA C 184 7.32 -3.39 -43.39
C ALA C 184 6.88 -1.99 -43.79
N ILE C 185 7.85 -1.11 -44.02
CA ILE C 185 7.56 0.27 -44.39
C ILE C 185 7.00 0.29 -45.80
N GLN C 186 7.47 -0.66 -46.60
CA GLN C 186 7.19 -0.67 -48.03
C GLN C 186 5.78 -1.19 -48.20
N ARG C 187 5.40 -2.22 -47.45
CA ARG C 187 3.99 -2.65 -47.34
C ARG C 187 3.03 -1.57 -46.79
N ALA C 188 3.54 -0.73 -45.90
CA ALA C 188 2.76 0.36 -45.31
C ALA C 188 2.56 1.48 -46.33
N GLN C 189 3.56 1.70 -47.19
CA GLN C 189 3.47 2.73 -48.22
C GLN C 189 2.47 2.33 -49.31
N LEU C 190 2.31 1.03 -49.51
CA LEU C 190 1.36 0.53 -50.51
C LEU C 190 -0.08 0.74 -50.04
N GLU C 191 -0.35 0.40 -48.79
CA GLU C 191 -1.69 0.59 -48.22
C GLU C 191 -1.95 2.07 -47.95
N GLY C 192 -0.88 2.86 -47.96
CA GLY C 192 -0.98 4.29 -47.69
C GLY C 192 -1.16 4.58 -46.22
N ARG C 193 -0.69 3.65 -45.38
CA ARG C 193 -0.81 3.79 -43.94
C ARG C 193 0.35 4.60 -43.38
N ASP C 194 0.04 5.81 -42.91
CA ASP C 194 1.05 6.67 -42.28
C ASP C 194 1.38 6.16 -40.89
N LEU C 195 2.65 5.83 -40.67
CA LEU C 195 3.08 5.20 -39.44
C LEU C 195 3.49 6.21 -38.37
N THR C 196 3.48 5.79 -37.12
CA THR C 196 3.92 6.63 -36.01
C THR C 196 5.44 6.53 -35.84
N ASP C 197 5.93 5.30 -35.79
CA ASP C 197 7.36 5.05 -35.70
C ASP C 197 7.69 3.69 -36.33
N GLU C 198 8.95 3.29 -36.26
CA GLU C 198 9.40 2.05 -36.87
C GLU C 198 8.77 0.83 -36.21
N ALA C 199 8.48 0.95 -34.91
CA ALA C 199 7.85 -0.13 -34.17
C ALA C 199 6.45 -0.41 -34.71
N SER C 200 5.71 0.66 -35.00
CA SER C 200 4.35 0.54 -35.53
C SER C 200 4.35 -0.14 -36.90
N ALA C 201 5.41 0.09 -37.67
CA ALA C 201 5.57 -0.56 -38.97
C ALA C 201 5.76 -2.05 -38.78
N ILE C 202 6.52 -2.41 -37.75
CA ILE C 202 6.79 -3.79 -37.42
C ILE C 202 5.53 -4.47 -36.88
N GLU C 203 4.76 -3.73 -36.08
CA GLU C 203 3.53 -4.23 -35.49
C GLU C 203 2.48 -4.54 -36.54
N TRP C 204 2.26 -3.60 -37.46
CA TRP C 204 1.27 -3.78 -38.52
C TRP C 204 1.70 -4.84 -39.52
N ALA C 205 3.00 -5.12 -39.58
CA ALA C 205 3.53 -6.11 -40.50
C ALA C 205 3.25 -7.52 -40.01
N GLY C 206 2.87 -7.64 -38.74
CA GLY C 206 2.55 -8.93 -38.16
C GLY C 206 3.62 -9.47 -37.23
N HIS C 207 4.59 -8.64 -36.90
CA HIS C 207 5.67 -9.04 -36.00
C HIS C 207 5.48 -8.42 -34.62
N THR C 208 6.18 -8.96 -33.63
CA THR C 208 6.03 -8.51 -32.26
C THR C 208 7.32 -7.92 -31.71
N PRO C 209 7.42 -6.59 -31.66
CA PRO C 209 8.58 -5.92 -31.07
C PRO C 209 8.57 -6.00 -29.55
N ARG C 210 9.72 -5.78 -28.92
CA ARG C 210 9.81 -5.83 -27.46
C ARG C 210 10.25 -4.50 -26.88
N VAL C 211 10.10 -4.34 -25.57
CA VAL C 211 10.49 -3.11 -24.90
C VAL C 211 11.66 -3.35 -23.95
N VAL C 212 12.56 -2.36 -23.91
CA VAL C 212 13.67 -2.37 -22.96
C VAL C 212 13.60 -1.07 -22.16
N GLN C 213 13.90 -1.15 -20.87
CA GLN C 213 13.84 0.01 -19.99
C GLN C 213 14.68 1.17 -20.51
N GLY C 214 14.01 2.26 -20.83
CA GLY C 214 14.68 3.45 -21.35
C GLY C 214 15.26 4.35 -20.28
N SER C 215 15.22 5.65 -20.51
CA SER C 215 15.80 6.61 -19.58
C SER C 215 15.04 7.93 -19.60
N LEU C 216 15.01 8.62 -18.46
CA LEU C 216 14.28 9.88 -18.35
C LEU C 216 15.01 11.04 -19.01
N ARG C 217 16.32 10.90 -19.19
CA ARG C 217 17.10 11.93 -19.86
C ARG C 217 17.04 11.75 -21.38
N ASN C 218 16.42 10.65 -21.81
CA ASN C 218 16.27 10.35 -23.22
C ASN C 218 14.93 10.87 -23.74
N PHE C 219 14.54 12.05 -23.27
CA PHE C 219 13.26 12.63 -23.66
C PHE C 219 13.37 13.36 -25.00
N LYS C 220 12.23 13.51 -25.67
CA LYS C 220 12.16 14.18 -26.95
C LYS C 220 11.90 15.67 -26.79
N VAL C 221 12.79 16.51 -27.32
CA VAL C 221 12.63 17.95 -27.23
C VAL C 221 11.67 18.45 -28.32
N THR C 222 10.69 19.24 -27.90
CA THR C 222 9.69 19.78 -28.82
C THR C 222 9.35 21.22 -28.47
N TYR C 223 9.34 21.52 -27.18
CA TYR C 223 8.97 22.85 -26.70
C TYR C 223 10.22 23.60 -26.23
N PRO C 224 10.17 24.95 -26.28
CA PRO C 224 11.30 25.79 -25.85
C PRO C 224 11.84 25.45 -24.47
N GLU C 225 10.95 25.10 -23.54
CA GLU C 225 11.37 24.74 -22.19
C GLU C 225 12.03 23.36 -22.16
N ASP C 226 11.71 22.53 -23.15
CA ASP C 226 12.34 21.22 -23.27
C ASP C 226 13.80 21.38 -23.72
N PHE C 227 14.03 22.35 -24.61
CA PHE C 227 15.38 22.66 -25.07
C PHE C 227 16.20 23.24 -23.92
N ASP C 228 15.56 24.06 -23.09
CA ASP C 228 16.21 24.66 -21.94
C ASP C 228 16.72 23.59 -20.98
N LEU C 229 15.89 22.59 -20.73
CA LEU C 229 16.25 21.49 -19.85
C LEU C 229 17.39 20.66 -20.45
N ALA C 230 17.27 20.35 -21.74
CA ALA C 230 18.26 19.56 -22.44
C ALA C 230 19.61 20.28 -22.48
N GLU C 231 19.58 21.60 -22.55
CA GLU C 231 20.80 22.40 -22.57
C GLU C 231 21.47 22.38 -21.19
N ALA C 232 20.65 22.25 -20.15
CA ALA C 232 21.17 22.21 -18.79
C ALA C 232 21.78 20.86 -18.47
N ILE C 233 21.21 19.80 -19.03
CA ILE C 233 21.67 18.45 -18.78
C ILE C 233 22.95 18.15 -19.57
N LEU C 234 23.00 18.66 -20.80
CA LEU C 234 24.11 18.36 -21.70
C LEU C 234 25.21 19.43 -21.68
N ALA C 235 25.30 20.15 -20.57
CA ALA C 235 26.35 21.14 -20.40
C ALA C 235 26.88 21.11 -18.96
N HIS C 236 26.77 19.94 -18.34
CA HIS C 236 27.17 19.74 -16.94
C HIS C 236 28.58 20.23 -16.66
N VAL D 6 -11.96 38.23 2.71
CA VAL D 6 -12.94 37.85 1.70
C VAL D 6 -12.29 37.01 0.60
N THR D 7 -11.07 37.36 0.25
CA THR D 7 -10.33 36.64 -0.78
C THR D 7 -9.80 35.31 -0.24
N SER D 8 -9.70 34.32 -1.12
CA SER D 8 -9.24 32.99 -0.72
C SER D 8 -7.75 32.99 -0.40
N ARG D 9 -7.36 32.19 0.58
CA ARG D 9 -5.96 32.11 0.99
C ARG D 9 -5.28 30.90 0.35
N LEU D 10 -3.95 30.87 0.43
CA LEU D 10 -3.17 29.80 -0.18
C LEU D 10 -2.47 28.95 0.89
N PHE D 11 -2.64 27.64 0.80
CA PHE D 11 -2.00 26.71 1.73
C PHE D 11 -1.28 25.61 0.97
N ALA D 12 -0.15 25.18 1.52
CA ALA D 12 0.63 24.09 0.93
C ALA D 12 0.50 22.83 1.77
N LEU D 13 0.39 21.69 1.10
CA LEU D 13 0.24 20.41 1.80
C LEU D 13 1.17 19.35 1.21
N ILE D 14 2.17 18.96 1.98
CA ILE D 14 3.15 17.97 1.53
C ILE D 14 3.09 16.73 2.40
N PRO D 15 2.37 15.69 1.93
CA PRO D 15 2.26 14.44 2.66
C PRO D 15 3.52 13.57 2.57
N CYS D 16 4.03 13.14 3.73
CA CYS D 16 5.23 12.32 3.78
C CYS D 16 5.04 11.15 4.73
N ALA D 17 4.07 10.30 4.44
CA ALA D 17 3.79 9.13 5.28
C ALA D 17 4.78 8.01 5.01
N GLY D 18 4.54 6.85 5.62
CA GLY D 18 5.41 5.70 5.45
C GLY D 18 6.71 5.81 6.22
N THR D 33 18.42 11.31 -0.40
CA THR D 33 19.44 12.34 -0.48
C THR D 33 19.74 12.71 -1.93
N LEU D 34 19.51 13.97 -2.27
CA LEU D 34 19.80 14.47 -3.61
C LEU D 34 20.63 15.74 -3.54
N ALA D 35 21.85 15.66 -4.07
CA ALA D 35 22.80 16.78 -4.07
C ALA D 35 23.05 17.33 -2.67
N GLY D 36 23.09 16.43 -1.69
CA GLY D 36 23.33 16.81 -0.31
C GLY D 36 22.08 16.90 0.52
N ARG D 37 21.24 17.88 0.23
CA ARG D 37 19.99 18.08 0.97
C ARG D 37 19.03 16.92 0.71
N ALA D 38 18.11 16.69 1.65
CA ALA D 38 17.14 15.62 1.52
C ALA D 38 16.16 15.90 0.39
N LEU D 39 15.41 14.87 0.00
CA LEU D 39 14.47 14.98 -1.12
C LEU D 39 13.35 15.97 -0.81
N LEU D 40 12.96 16.06 0.46
CA LEU D 40 11.87 16.93 0.88
C LEU D 40 12.27 18.40 0.83
N HIS D 41 13.57 18.66 0.95
CA HIS D 41 14.09 20.03 1.05
C HIS D 41 13.71 20.92 -0.13
N TYR D 42 13.75 20.37 -1.34
CA TYR D 42 13.51 21.15 -2.55
C TYR D 42 12.06 21.58 -2.68
N THR D 43 11.14 20.76 -2.16
CA THR D 43 9.72 21.09 -2.20
C THR D 43 9.41 22.24 -1.26
N LEU D 44 9.98 22.20 -0.06
CA LEU D 44 9.79 23.25 0.94
C LEU D 44 10.39 24.57 0.47
N ALA D 45 11.59 24.51 -0.10
CA ALA D 45 12.28 25.70 -0.58
C ALA D 45 11.50 26.37 -1.71
N ALA D 46 10.83 25.55 -2.51
CA ALA D 46 10.02 26.07 -3.62
C ALA D 46 8.83 26.86 -3.11
N PHE D 47 8.18 26.34 -2.07
CA PHE D 47 7.01 26.99 -1.49
C PHE D 47 7.41 28.12 -0.54
N ASP D 48 8.59 28.01 0.05
CA ASP D 48 9.09 29.04 0.96
C ASP D 48 9.39 30.32 0.19
N ALA D 49 9.73 30.18 -1.08
CA ALA D 49 10.01 31.33 -1.95
C ALA D 49 8.73 32.11 -2.23
N CYS D 50 7.60 31.41 -2.22
CA CYS D 50 6.31 32.05 -2.44
C CYS D 50 5.72 32.51 -1.12
N SER D 51 5.85 33.81 -0.83
CA SER D 51 5.41 34.38 0.43
C SER D 51 3.90 34.61 0.47
N GLU D 52 3.24 34.42 -0.66
CA GLU D 52 1.79 34.64 -0.75
C GLU D 52 1.02 33.52 -0.06
N PHE D 53 1.68 32.39 0.15
CA PHE D 53 1.07 31.28 0.87
C PHE D 53 0.93 31.60 2.35
N ALA D 54 -0.11 31.07 2.98
CA ALA D 54 -0.34 31.32 4.40
C ALA D 54 0.60 30.46 5.24
N GLN D 55 0.72 29.19 4.88
CA GLN D 55 1.58 28.25 5.60
C GLN D 55 1.75 26.95 4.81
N THR D 56 2.92 26.35 4.91
CA THR D 56 3.15 25.02 4.34
C THR D 56 3.01 23.96 5.43
N LEU D 57 2.20 22.94 5.16
CA LEU D 57 2.01 21.87 6.13
C LEU D 57 2.62 20.56 5.62
N VAL D 58 3.48 19.97 6.44
CA VAL D 58 4.10 18.70 6.10
C VAL D 58 3.49 17.59 6.95
N VAL D 59 2.76 16.69 6.30
CA VAL D 59 2.10 15.59 6.98
C VAL D 59 3.03 14.37 7.03
N ILE D 60 3.32 13.90 8.23
CA ILE D 60 4.16 12.72 8.40
C ILE D 60 3.41 11.66 9.21
N SER D 61 3.92 10.43 9.16
CA SER D 61 3.31 9.33 9.90
C SER D 61 3.48 9.55 11.41
N PRO D 62 2.45 9.19 12.19
CA PRO D 62 2.48 9.35 13.65
C PRO D 62 3.58 8.54 14.32
N ASP D 63 3.93 7.40 13.75
CA ASP D 63 4.99 6.57 14.30
C ASP D 63 6.29 6.72 13.54
N ASP D 64 6.54 7.93 13.03
CA ASP D 64 7.79 8.24 12.34
C ASP D 64 8.74 8.89 13.33
N ALA D 65 10.00 8.45 13.28
CA ALA D 65 11.03 9.02 14.16
C ALA D 65 12.31 9.29 13.37
N HIS D 66 12.16 9.49 12.06
CA HIS D 66 13.31 9.76 11.20
C HIS D 66 13.28 11.20 10.68
N PHE D 67 12.18 11.89 10.95
CA PHE D 67 12.02 13.27 10.50
C PHE D 67 12.63 14.25 11.51
N ASP D 68 13.55 15.07 11.04
CA ASP D 68 14.16 16.10 11.88
C ASP D 68 13.96 17.47 11.24
N ALA D 69 13.24 18.34 11.93
CA ALA D 69 12.91 19.66 11.41
C ALA D 69 14.12 20.59 11.39
N ARG D 70 15.21 20.16 12.01
CA ARG D 70 16.42 20.95 12.09
C ARG D 70 17.12 21.07 10.73
N ARG D 71 16.94 20.05 9.89
CA ARG D 71 17.59 20.02 8.59
C ARG D 71 17.00 21.05 7.63
N PHE D 72 15.72 21.37 7.82
CA PHE D 72 15.03 22.31 6.94
C PHE D 72 14.88 23.67 7.61
N ALA D 73 15.90 24.06 8.38
CA ALA D 73 15.88 25.33 9.09
C ALA D 73 15.93 26.51 8.14
N GLY D 74 15.22 27.59 8.49
CA GLY D 74 15.16 28.77 7.65
C GLY D 74 13.96 28.77 6.73
N LEU D 75 13.34 27.61 6.57
CA LEU D 75 12.17 27.47 5.71
C LEU D 75 10.88 27.60 6.51
N ARG D 76 9.87 28.20 5.90
CA ARG D 76 8.60 28.42 6.57
C ARG D 76 7.64 27.25 6.30
N PHE D 77 7.50 26.37 7.28
CA PHE D 77 6.65 25.20 7.14
C PHE D 77 6.24 24.65 8.51
N ALA D 78 5.15 23.89 8.54
CA ALA D 78 4.71 23.24 9.77
C ALA D 78 4.71 21.73 9.59
N VAL D 79 4.72 20.99 10.69
CA VAL D 79 4.74 19.54 10.61
C VAL D 79 3.82 18.91 11.65
N ARG D 80 2.89 18.09 11.18
CA ARG D 80 1.95 17.39 12.05
CA ARG D 80 1.96 17.39 12.06
C ARG D 80 1.98 15.90 11.78
N ARG D 81 2.07 15.11 12.85
CA ARG D 81 2.11 13.65 12.73
C ARG D 81 0.72 13.06 12.54
N CYS D 82 -0.04 13.63 11.63
CA CYS D 82 -1.41 13.20 11.37
C CYS D 82 -1.49 12.26 10.18
N GLY D 83 -0.40 11.56 9.89
CA GLY D 83 -0.35 10.65 8.78
C GLY D 83 -1.34 9.50 8.86
N GLY D 84 -1.69 8.95 7.70
CA GLY D 84 -2.62 7.84 7.64
C GLY D 84 -2.00 6.58 7.06
N ALA D 85 -2.84 5.62 6.71
CA ALA D 85 -2.36 4.36 6.14
C ALA D 85 -2.02 4.52 4.67
N SER D 86 -2.71 5.44 3.99
CA SER D 86 -2.50 5.66 2.58
C SER D 86 -2.25 7.13 2.28
N ARG D 87 -1.97 7.44 1.01
CA ARG D 87 -1.73 8.81 0.57
C ARG D 87 -3.01 9.64 0.67
N GLN D 88 -4.11 9.07 0.15
CA GLN D 88 -5.40 9.76 0.14
C GLN D 88 -5.88 10.08 1.55
N ALA D 89 -5.60 9.19 2.49
CA ALA D 89 -5.98 9.40 3.88
C ALA D 89 -5.11 10.48 4.51
N SER D 90 -3.82 10.46 4.19
CA SER D 90 -2.88 11.43 4.72
C SER D 90 -3.22 12.84 4.26
N VAL D 91 -3.72 12.95 3.02
CA VAL D 91 -4.11 14.24 2.47
C VAL D 91 -5.37 14.74 3.17
N MET D 92 -6.37 13.85 3.30
CA MET D 92 -7.62 14.20 3.95
C MET D 92 -7.40 14.67 5.39
N ASN D 93 -6.56 13.94 6.11
CA ASN D 93 -6.23 14.29 7.49
C ASN D 93 -5.56 15.65 7.54
N GLY D 94 -4.55 15.85 6.70
CA GLY D 94 -3.84 17.12 6.63
C GLY D 94 -4.74 18.31 6.34
N LEU D 95 -5.77 18.08 5.54
CA LEU D 95 -6.74 19.13 5.24
C LEU D 95 -7.52 19.51 6.49
N ILE D 96 -7.90 18.52 7.27
CA ILE D 96 -8.65 18.71 8.49
C ILE D 96 -7.59 19.47 9.35
N GLN D 97 -6.30 19.43 9.41
N GLN D 97 -6.25 19.27 9.44
CA GLN D 97 -5.52 19.78 10.53
CA GLN D 97 -5.40 19.76 10.48
C GLN D 97 -5.05 21.20 10.39
C GLN D 97 -5.16 21.25 10.40
N LEU D 98 -5.32 21.83 9.20
CA LEU D 98 -5.22 23.10 8.37
C LEU D 98 -6.19 24.05 8.99
N ALA D 99 -7.34 23.57 9.43
CA ALA D 99 -8.31 24.45 10.07
C ALA D 99 -7.74 25.07 11.34
N GLU D 100 -6.77 24.39 11.94
CA GLU D 100 -6.09 24.88 13.12
C GLU D 100 -5.20 26.08 12.76
N PHE D 101 -4.71 26.09 11.53
CA PHE D 101 -3.85 27.16 11.05
C PHE D 101 -4.66 28.34 10.53
N GLY D 102 -5.98 28.27 10.70
CA GLY D 102 -6.86 29.35 10.30
C GLY D 102 -7.46 29.20 8.91
N ALA D 103 -7.34 28.01 8.34
CA ALA D 103 -7.85 27.75 7.01
C ALA D 103 -9.36 27.52 7.01
N THR D 104 -10.02 27.97 5.94
CA THR D 104 -11.45 27.72 5.78
C THR D 104 -11.68 26.80 4.58
N ASP D 105 -12.94 26.42 4.37
CA ASP D 105 -13.29 25.50 3.29
C ASP D 105 -13.18 26.15 1.92
N ALA D 106 -13.28 27.47 1.88
CA ALA D 106 -13.25 28.21 0.62
C ALA D 106 -11.81 28.53 0.19
N ASP D 107 -10.86 28.26 1.08
CA ASP D 107 -9.45 28.55 0.81
C ASP D 107 -8.83 27.51 -0.13
N TRP D 108 -7.79 27.91 -0.84
CA TRP D 108 -7.08 27.03 -1.75
C TRP D 108 -6.06 26.17 -1.02
N VAL D 109 -5.79 24.99 -1.56
CA VAL D 109 -4.73 24.14 -1.05
C VAL D 109 -3.96 23.52 -2.23
N LEU D 110 -2.64 23.59 -2.18
CA LEU D 110 -1.80 23.02 -3.21
C LEU D 110 -1.06 21.80 -2.68
N VAL D 111 -1.55 20.61 -3.04
CA VAL D 111 -0.93 19.37 -2.61
C VAL D 111 0.16 18.96 -3.60
N HIS D 112 1.40 18.90 -3.13
CA HIS D 112 2.52 18.57 -3.99
C HIS D 112 3.22 17.28 -3.56
N ASP D 113 3.66 16.50 -4.53
CA ASP D 113 4.40 15.28 -4.26
C ASP D 113 5.87 15.62 -4.01
N ALA D 114 6.38 15.21 -2.86
CA ALA D 114 7.77 15.47 -2.50
C ALA D 114 8.74 14.73 -3.41
N ALA D 115 8.22 13.75 -4.15
CA ALA D 115 9.02 12.99 -5.10
C ALA D 115 9.18 13.75 -6.41
N ARG D 116 8.81 15.03 -6.41
CA ARG D 116 9.01 15.90 -7.57
C ARG D 116 9.76 17.16 -7.15
N PRO D 117 11.08 17.03 -6.94
CA PRO D 117 11.92 18.14 -6.46
C PRO D 117 12.18 19.21 -7.52
N GLY D 118 11.79 18.93 -8.76
CA GLY D 118 12.00 19.87 -9.85
C GLY D 118 11.02 21.02 -9.87
N ILE D 119 10.14 21.06 -8.88
CA ILE D 119 9.14 22.11 -8.77
C ILE D 119 9.80 23.48 -8.57
N THR D 120 9.30 24.48 -9.29
CA THR D 120 9.81 25.83 -9.18
C THR D 120 8.72 26.79 -8.73
N PRO D 121 9.11 27.90 -8.08
CA PRO D 121 8.15 28.94 -7.68
C PRO D 121 7.36 29.49 -8.88
N ALA D 122 8.01 29.55 -10.03
CA ALA D 122 7.38 30.07 -11.24
C ALA D 122 6.21 29.20 -11.68
N LEU D 123 6.42 27.88 -11.67
CA LEU D 123 5.38 26.94 -12.08
C LEU D 123 4.24 26.95 -11.07
N ILE D 124 4.55 27.17 -9.80
CA ILE D 124 3.55 27.26 -8.76
C ILE D 124 2.63 28.45 -9.00
N ARG D 125 3.22 29.61 -9.22
CA ARG D 125 2.46 30.83 -9.44
C ARG D 125 1.66 30.78 -10.74
N THR D 126 2.15 30.02 -11.71
CA THR D 126 1.46 29.84 -12.98
C THR D 126 0.14 29.09 -12.77
N LEU D 127 0.19 28.06 -11.93
CA LEU D 127 -1.00 27.30 -11.59
C LEU D 127 -1.99 28.15 -10.82
N ILE D 128 -1.47 29.00 -9.92
CA ILE D 128 -2.30 29.87 -9.10
C ILE D 128 -3.00 30.92 -9.96
N GLY D 129 -2.22 31.65 -10.76
CA GLY D 129 -2.75 32.73 -11.58
C GLY D 129 -3.75 32.29 -12.63
N ALA D 130 -3.70 31.01 -13.00
CA ALA D 130 -4.57 30.48 -14.03
C ALA D 130 -5.86 29.89 -13.44
N LEU D 131 -5.84 29.60 -12.14
CA LEU D 131 -6.97 28.96 -11.48
C LEU D 131 -7.38 29.66 -10.20
N LYS D 132 -6.98 30.92 -10.04
CA LYS D 132 -7.27 31.67 -8.83
C LYS D 132 -8.77 31.88 -8.62
N ASP D 133 -9.48 32.14 -9.72
CA ASP D 133 -10.90 32.40 -9.65
C ASP D 133 -11.73 31.29 -10.29
N ASP D 134 -11.28 30.05 -10.11
CA ASP D 134 -12.00 28.90 -10.63
C ASP D 134 -12.78 28.23 -9.50
N PRO D 135 -14.04 27.84 -9.78
CA PRO D 135 -14.90 27.20 -8.79
C PRO D 135 -14.32 25.90 -8.21
N VAL D 136 -13.60 25.15 -9.04
CA VAL D 136 -13.07 23.86 -8.64
C VAL D 136 -11.55 23.90 -8.48
N GLY D 137 -10.86 24.32 -9.53
CA GLY D 137 -9.40 24.32 -9.54
C GLY D 137 -8.84 23.40 -10.59
N GLY D 138 -7.64 22.87 -10.35
CA GLY D 138 -7.02 21.97 -11.30
C GLY D 138 -5.60 21.56 -10.97
N ILE D 139 -4.92 20.98 -11.93
CA ILE D 139 -3.57 20.44 -11.74
C ILE D 139 -2.63 20.92 -12.84
N VAL D 140 -1.33 20.75 -12.60
CA VAL D 140 -0.35 20.94 -13.66
C VAL D 140 -0.13 19.60 -14.35
N ALA D 141 -0.05 19.62 -15.67
CA ALA D 141 0.07 18.38 -16.43
C ALA D 141 0.76 18.59 -17.77
N LEU D 142 1.16 17.49 -18.39
CA LEU D 142 1.79 17.51 -19.70
C LEU D 142 1.07 16.58 -20.67
N PRO D 143 0.77 17.08 -21.87
CA PRO D 143 0.21 16.22 -22.92
C PRO D 143 1.17 15.08 -23.26
N VAL D 144 0.63 13.89 -23.50
CA VAL D 144 1.46 12.74 -23.84
C VAL D 144 2.18 13.00 -25.16
N ALA D 145 3.50 13.13 -25.09
CA ALA D 145 4.30 13.43 -26.27
C ALA D 145 4.81 12.16 -26.94
N ASP D 146 5.09 11.14 -26.14
CA ASP D 146 5.61 9.88 -26.66
C ASP D 146 4.49 8.96 -27.14
N THR D 147 4.78 8.20 -28.20
CA THR D 147 3.84 7.22 -28.71
C THR D 147 3.59 6.14 -27.67
N LEU D 148 2.33 5.79 -27.46
CA LEU D 148 1.96 4.81 -26.43
C LEU D 148 1.96 3.39 -26.98
N LYS D 149 2.62 2.49 -26.27
CA LYS D 149 2.67 1.09 -26.65
C LYS D 149 2.05 0.22 -25.55
N ARG D 150 1.09 -0.62 -25.92
CA ARG D 150 0.48 -1.52 -24.95
C ARG D 150 1.32 -2.78 -24.77
N VAL D 151 1.84 -2.97 -23.56
CA VAL D 151 2.66 -4.13 -23.24
C VAL D 151 2.05 -4.86 -22.05
N PRO D 152 1.36 -5.98 -22.33
CA PRO D 152 0.70 -6.80 -21.29
C PRO D 152 1.64 -7.19 -20.15
N ALA D 153 1.11 -7.24 -18.94
CA ALA D 153 1.89 -7.55 -17.75
C ALA D 153 2.45 -8.98 -17.82
N GLY D 154 3.63 -9.17 -17.22
CA GLY D 154 4.27 -10.47 -17.22
C GLY D 154 5.08 -10.74 -18.47
N GLY D 155 5.14 -9.76 -19.36
CA GLY D 155 5.88 -9.89 -20.59
C GLY D 155 6.40 -8.56 -21.12
N ASP D 156 7.42 -8.63 -21.97
CA ASP D 156 8.00 -7.42 -22.55
C ASP D 156 7.62 -7.28 -24.02
N ALA D 157 6.64 -8.06 -24.46
CA ALA D 157 6.21 -8.04 -25.85
C ALA D 157 5.17 -6.94 -26.09
N ILE D 158 5.32 -6.22 -27.20
CA ILE D 158 4.38 -5.17 -27.56
C ILE D 158 3.19 -5.75 -28.31
N GLU D 159 1.99 -5.48 -27.81
CA GLU D 159 0.77 -5.95 -28.46
C GLU D 159 0.41 -5.06 -29.64
N ARG D 160 0.26 -3.77 -29.38
CA ARG D 160 -0.10 -2.81 -30.42
C ARG D 160 0.23 -1.38 -30.00
N THR D 161 -0.13 -0.43 -30.85
CA THR D 161 0.08 0.99 -30.57
C THR D 161 -1.23 1.63 -30.12
N GLU D 162 -1.22 2.27 -28.96
CA GLU D 162 -2.41 2.92 -28.43
C GLU D 162 -2.39 4.43 -28.70
N SER D 163 -3.56 5.00 -28.93
CA SER D 163 -3.68 6.42 -29.23
C SER D 163 -3.36 7.28 -28.01
N ARG D 164 -2.61 8.36 -28.24
CA ARG D 164 -2.28 9.29 -27.17
C ARG D 164 -3.10 10.57 -27.30
N ASN D 165 -4.16 10.49 -28.09
CA ASN D 165 -5.04 11.63 -28.33
C ASN D 165 -5.82 12.01 -27.07
N GLY D 166 -5.74 13.28 -26.69
CA GLY D 166 -6.48 13.79 -25.55
C GLY D 166 -6.04 13.23 -24.22
N LEU D 167 -4.80 12.75 -24.15
CA LEU D 167 -4.26 12.20 -22.92
C LEU D 167 -3.17 13.09 -22.31
N TRP D 168 -3.27 13.32 -21.01
CA TRP D 168 -2.31 14.17 -20.30
C TRP D 168 -1.65 13.42 -19.16
N GLN D 169 -0.37 13.70 -18.93
CA GLN D 169 0.34 13.13 -17.79
C GLN D 169 0.21 14.06 -16.60
N ALA D 170 -0.57 13.64 -15.61
CA ALA D 170 -0.85 14.46 -14.44
C ALA D 170 0.40 14.67 -13.57
N GLN D 171 0.53 15.88 -13.04
CA GLN D 171 1.64 16.21 -12.15
C GLN D 171 1.14 16.91 -10.90
N THR D 172 2.07 17.22 -9.99
CA THR D 172 1.77 17.99 -8.79
C THR D 172 2.54 19.31 -8.88
N PRO D 173 2.09 20.36 -8.16
CA PRO D 173 0.98 20.45 -7.21
C PRO D 173 -0.40 20.39 -7.84
N GLN D 174 -1.39 19.99 -7.03
CA GLN D 174 -2.78 19.94 -7.45
C GLN D 174 -3.59 20.91 -6.61
N MET D 175 -4.29 21.83 -7.26
CA MET D 175 -4.93 22.95 -6.59
C MET D 175 -6.45 22.82 -6.52
N PHE D 176 -6.98 22.67 -5.32
CA PHE D 176 -8.42 22.58 -5.11
C PHE D 176 -8.84 23.32 -3.84
N ARG D 177 -10.15 23.45 -3.65
CA ARG D 177 -10.68 24.05 -2.43
C ARG D 177 -10.57 23.06 -1.28
N ILE D 178 -10.25 23.56 -0.09
CA ILE D 178 -10.04 22.71 1.08
C ILE D 178 -11.29 21.93 1.42
N GLY D 179 -12.43 22.61 1.44
CA GLY D 179 -13.70 21.98 1.78
C GLY D 179 -14.16 20.94 0.78
N MET D 180 -14.08 21.27 -0.51
CA MET D 180 -14.51 20.38 -1.56
C MET D 180 -13.63 19.12 -1.64
N LEU D 181 -12.32 19.33 -1.53
CA LEU D 181 -11.37 18.21 -1.62
C LEU D 181 -11.49 17.29 -0.42
N ARG D 182 -11.65 17.87 0.77
CA ARG D 182 -11.77 17.09 2.00
C ARG D 182 -12.99 16.18 1.95
N ASP D 183 -14.11 16.71 1.48
CA ASP D 183 -15.34 15.94 1.37
C ASP D 183 -15.25 14.92 0.25
N ALA D 184 -14.55 15.28 -0.83
CA ALA D 184 -14.40 14.40 -1.98
C ALA D 184 -13.62 13.14 -1.61
N ILE D 185 -12.56 13.30 -0.83
CA ILE D 185 -11.74 12.18 -0.40
C ILE D 185 -12.50 11.30 0.57
N GLN D 186 -13.14 11.93 1.56
CA GLN D 186 -13.89 11.19 2.58
C GLN D 186 -15.06 10.44 1.98
N ARG D 187 -15.69 11.01 0.96
CA ARG D 187 -16.78 10.35 0.27
C ARG D 187 -16.27 9.12 -0.47
N ALA D 188 -15.03 9.19 -0.94
CA ALA D 188 -14.40 8.07 -1.62
C ALA D 188 -13.89 7.05 -0.60
N GLN D 189 -13.56 7.53 0.60
CA GLN D 189 -13.10 6.66 1.68
C GLN D 189 -14.21 5.73 2.15
N LEU D 190 -15.41 6.29 2.34
CA LEU D 190 -16.55 5.51 2.81
C LEU D 190 -16.99 4.50 1.75
N GLU D 191 -16.87 4.88 0.49
CA GLU D 191 -17.25 4.01 -0.63
C GLU D 191 -16.16 2.99 -0.92
N GLY D 192 -15.02 3.12 -0.25
CA GLY D 192 -13.93 2.17 -0.37
C GLY D 192 -13.25 2.14 -1.72
N ARG D 193 -13.34 3.24 -2.46
CA ARG D 193 -12.72 3.32 -3.78
C ARG D 193 -11.33 3.94 -3.68
N ASP D 194 -10.31 3.15 -4.04
CA ASP D 194 -8.94 3.61 -3.99
C ASP D 194 -8.64 4.60 -5.12
N LEU D 195 -8.30 5.83 -4.74
CA LEU D 195 -8.02 6.88 -5.70
C LEU D 195 -6.55 6.86 -6.14
N THR D 196 -6.20 7.75 -7.05
CA THR D 196 -4.82 7.88 -7.50
C THR D 196 -4.23 9.19 -6.98
N ASP D 197 -4.77 10.31 -7.46
CA ASP D 197 -4.36 11.62 -6.98
C ASP D 197 -5.55 12.40 -6.43
N GLU D 198 -5.32 13.65 -6.05
CA GLU D 198 -6.38 14.48 -5.49
C GLU D 198 -7.40 14.85 -6.56
N ALA D 199 -6.96 14.86 -7.82
CA ALA D 199 -7.84 15.20 -8.94
C ALA D 199 -8.92 14.14 -9.12
N SER D 200 -8.53 12.87 -9.06
CA SER D 200 -9.46 11.76 -9.25
C SER D 200 -10.59 11.76 -8.22
N ALA D 201 -10.28 12.27 -7.03
CA ALA D 201 -11.30 12.42 -5.99
C ALA D 201 -12.32 13.47 -6.41
N ILE D 202 -11.82 14.57 -6.97
CA ILE D 202 -12.67 15.65 -7.45
C ILE D 202 -13.53 15.17 -8.62
N GLU D 203 -12.90 14.43 -9.52
CA GLU D 203 -13.58 13.89 -10.70
C GLU D 203 -14.70 12.94 -10.31
N TRP D 204 -14.45 12.12 -9.30
CA TRP D 204 -15.42 11.13 -8.85
C TRP D 204 -16.53 11.79 -8.03
N ALA D 205 -16.28 13.01 -7.57
CA ALA D 205 -17.27 13.75 -6.79
C ALA D 205 -18.28 14.43 -7.70
N GLY D 206 -18.04 14.36 -9.01
CA GLY D 206 -18.94 14.95 -9.98
C GLY D 206 -18.47 16.29 -10.52
N HIS D 207 -17.33 16.75 -10.04
CA HIS D 207 -16.79 18.03 -10.46
C HIS D 207 -15.72 17.86 -11.55
N THR D 208 -15.34 18.96 -12.18
CA THR D 208 -14.40 18.90 -13.29
C THR D 208 -13.20 19.81 -13.06
N PRO D 209 -12.04 19.22 -12.75
CA PRO D 209 -10.79 19.95 -12.60
C PRO D 209 -10.19 20.34 -13.95
N ARG D 210 -9.31 21.32 -13.95
CA ARG D 210 -8.69 21.78 -15.19
C ARG D 210 -7.21 21.39 -15.26
N VAL D 211 -6.60 21.58 -16.42
CA VAL D 211 -5.19 21.28 -16.58
C VAL D 211 -4.41 22.53 -16.99
N VAL D 212 -3.26 22.73 -16.37
CA VAL D 212 -2.35 23.80 -16.73
C VAL D 212 -1.04 23.18 -17.18
N GLN D 213 -0.40 23.77 -18.18
CA GLN D 213 0.84 23.24 -18.73
C GLN D 213 1.91 23.09 -17.66
N GLY D 214 2.46 21.88 -17.53
CA GLY D 214 3.51 21.61 -16.57
C GLY D 214 4.90 21.74 -17.17
N SER D 215 5.81 20.88 -16.74
CA SER D 215 7.19 20.91 -17.24
C SER D 215 7.85 19.54 -17.12
N LEU D 216 8.78 19.26 -18.03
CA LEU D 216 9.54 18.02 -17.99
C LEU D 216 10.47 18.02 -16.78
N ARG D 217 10.78 19.22 -16.29
CA ARG D 217 11.63 19.41 -15.13
C ARG D 217 10.94 18.93 -13.86
N ASN D 218 9.61 18.92 -13.89
CA ASN D 218 8.81 18.56 -12.72
C ASN D 218 8.43 17.07 -12.75
N PHE D 219 9.36 16.24 -13.20
CA PHE D 219 9.11 14.80 -13.28
C PHE D 219 9.18 14.16 -11.89
N LYS D 220 8.64 12.94 -11.80
CA LYS D 220 8.64 12.20 -10.54
C LYS D 220 9.83 11.25 -10.46
N VAL D 221 10.58 11.33 -9.35
CA VAL D 221 11.70 10.43 -9.16
C VAL D 221 11.21 9.12 -8.56
N THR D 222 11.77 8.01 -9.02
CA THR D 222 11.36 6.69 -8.55
C THR D 222 12.54 5.71 -8.65
N TYR D 223 13.21 5.70 -9.81
CA TYR D 223 14.35 4.83 -10.00
C TYR D 223 15.66 5.53 -9.68
N PRO D 224 16.71 4.75 -9.33
CA PRO D 224 18.04 5.29 -9.04
C PRO D 224 18.60 6.19 -10.13
N GLU D 225 18.25 5.90 -11.38
CA GLU D 225 18.68 6.72 -12.50
C GLU D 225 17.96 8.07 -12.51
N ASP D 226 16.74 8.09 -11.98
CA ASP D 226 15.96 9.31 -11.92
C ASP D 226 16.58 10.28 -10.91
N PHE D 227 17.19 9.73 -9.87
CA PHE D 227 17.85 10.54 -8.85
C PHE D 227 19.09 11.21 -9.43
N ASP D 228 19.87 10.46 -10.20
CA ASP D 228 21.08 10.99 -10.83
C ASP D 228 20.73 12.16 -11.75
N LEU D 229 19.63 12.03 -12.48
CA LEU D 229 19.13 13.11 -13.32
C LEU D 229 18.67 14.28 -12.46
N ALA D 230 17.93 13.98 -11.41
CA ALA D 230 17.42 15.00 -10.50
C ALA D 230 18.55 15.71 -9.80
N GLU D 231 19.62 14.98 -9.49
CA GLU D 231 20.77 15.56 -8.81
C GLU D 231 21.63 16.35 -9.80
N ALA D 232 21.43 16.12 -11.08
CA ALA D 232 22.18 16.81 -12.12
C ALA D 232 21.49 18.10 -12.54
N ILE D 233 20.15 18.09 -12.49
CA ILE D 233 19.37 19.26 -12.88
C ILE D 233 19.41 20.34 -11.80
N LEU D 234 19.17 19.92 -10.56
CA LEU D 234 19.12 20.86 -9.44
C LEU D 234 20.52 21.30 -9.00
N ALA D 235 21.54 20.72 -9.62
CA ALA D 235 22.92 21.07 -9.30
C ALA D 235 23.25 22.48 -9.78
C1 GOL E . 2.98 -8.80 -1.74
O1 GOL E . 2.01 -9.80 -1.99
C2 GOL E . 4.16 -9.41 -0.98
O2 GOL E . 5.36 -9.07 -1.63
C3 GOL E . 4.18 -8.87 0.45
O3 GOL E . 5.25 -9.46 1.16
C1 GOL F . -7.00 -16.64 -12.43
O1 GOL F . -7.59 -17.81 -12.94
C2 GOL F . -5.61 -16.45 -13.05
O2 GOL F . -5.43 -15.10 -13.40
C3 GOL F . -4.54 -16.87 -12.05
O3 GOL F . -3.26 -16.68 -12.61
C1 GOL G . -29.50 -3.09 30.99
O1 GOL G . -30.69 -2.75 31.67
C2 GOL G . -29.58 -2.58 29.55
O2 GOL G . -28.31 -2.08 29.17
C3 GOL G . -29.96 -3.74 28.62
O3 GOL G . -30.11 -3.24 27.31
C ACT H . -8.78 -10.11 20.23
O ACT H . -9.30 -9.34 21.06
OXT ACT H . -9.33 -11.23 20.09
CH3 ACT H . -7.56 -9.73 19.44
C1 GOL I . 16.73 -11.70 -41.28
O1 GOL I . 17.01 -11.93 -39.92
C2 GOL I . 15.23 -11.51 -41.47
O2 GOL I . 14.63 -11.21 -40.23
C3 GOL I . 14.98 -10.36 -42.44
O3 GOL I . 15.56 -9.17 -41.92
C1 GOL J . 8.01 10.73 -16.03
O1 GOL J . 6.96 10.90 -15.10
C2 GOL J . 7.55 9.82 -17.17
O2 GOL J . 8.03 8.52 -16.95
C3 GOL J . 8.07 10.35 -18.49
O3 GOL J . 7.60 11.67 -18.69
#